data_7WLW
#
_entry.id   7WLW
#
_cell.length_a   96.780
_cell.length_b   141.755
_cell.length_c   168.236
_cell.angle_alpha   90.000
_cell.angle_beta   90.000
_cell.angle_gamma   90.000
#
_symmetry.space_group_name_H-M   'P 21 21 21'
#
loop_
_entity.id
_entity.type
_entity.pdbx_description
1 polymer 'Sodium-dependent dopamine transporter'
2 polymer 'Antibody fragment light chain'
3 polymer 'Antibody Fragment heavy chain'
4 non-polymer 'CHLORIDE ION'
5 non-polymer 'SODIUM ION'
6 non-polymer '(3S)-1-(4,4-diphenylbut-3-enyl)piperidine-3-carboxylic acid'
7 non-polymer 'CHOLESTEROL HEMISUCCINATE'
8 non-polymer DECYL-BETA-D-MALTOPYRANOSIDE
9 non-polymer CHOLESTEROL
10 water water
#
loop_
_entity_poly.entity_id
_entity_poly.type
_entity_poly.pdbx_seq_one_letter_code
_entity_poly.pdbx_strand_id
1 'polypeptide(L)'
;DERETWSGKVDFLLSVIGYAVGLANVWRFPYLCYKNGGGAFLVPYGIMLAVGGIPLFYMELALGQHNRKGAITCWGRLVP
LFKGIGYAVVLISFYLNFYYNVIIAWSLRFFFASFTNSLPWTSCNNIWNTPNCRPFEGHVEGFQSAASEYFNRYILELNR
SEGIHDLGAIKWDMALCLLIVYLICYFSLWKGISTSGKVVWFTALFPYAALLILLIRGLTLPGSFLGIQYYLTPNFSAIY
KAEVWADAATQVFFSLGPGLGSLLAYASYNKYHNNVYKDALLTSFINSATSFIAGFVIFSVLGYMAHTLGVRIEDVATSG
PGLVFVVYPAAIATMPASTFWALIFFMMLATLGLDSQFGTVEAIITALSDEFPKIKRNRELFVAGLFSLYFVVGLASCTQ
GGFYFFHLLDRYAAGYSILVAVFFEAIAVSWIYGTNRFSEDIRDMIGFPPGRYWQVCWRFVAPIFLLFITVYLLIGYEPL
TYADYVYPSWANALGWCIAGSSVVMIPAVAIFKLLSTPGSLRQRFTILTTPWRDQQ
;
A
2 'polypeptide(L)'
;ENVLTQSPAIMSTSPGEKVTMTCRASSSVGSSYLHWYQQKSGASPKLWIYSTSNLASGVPARFSGSGSGTSYSLTISSVE
AEDAATYYCQQFSGYPLTFGSGTKLEMKRADAAPTVSIFPPSSEQLTSGGASVVCFLNNFYPKDINVKWKIDGSERQNGV
LNSWTDQDSKDSTYSMSSTLTLTKDEYERHNSYTCEATHKTSTSPIVKSFNRNE
;
L
3 'polypeptide(L)'
;EVQLVESGGGLVKPGGSLKLSCAASGFTFSSYAMSWVRQSPEKRLEWVAEISSGGRYIYYSDTVTGRFTISRDNARNILH
LEMSSLRSEDTAMYYCARGEVRQRGFDYWGQGTTLTVSSAKTTAPSVYPLAPVCGDTTGSSVTLGCLVKGYFPEPVTLTW
NSGSLSSGVHTFPAVLQSDLYTLSSSVTVTSSTWPSQSITCNVAHPASSTKVDKKIEPR
;
H
#
# COMPACT_ATOMS: atom_id res chain seq x y z
N ASP A 1 -23.39 -8.88 0.97
CA ASP A 1 -22.19 -8.39 0.30
C ASP A 1 -21.69 -7.09 0.95
N GLU A 2 -22.63 -6.21 1.29
CA GLU A 2 -22.31 -4.92 1.90
C GLU A 2 -22.06 -5.13 3.39
N ARG A 3 -20.79 -5.22 3.77
CA ARG A 3 -20.41 -5.46 5.15
C ARG A 3 -20.42 -4.17 5.95
N GLU A 4 -20.74 -4.28 7.23
CA GLU A 4 -20.65 -3.15 8.14
C GLU A 4 -19.23 -2.59 8.17
N THR A 5 -19.10 -1.37 8.69
CA THR A 5 -17.82 -0.73 8.83
C THR A 5 -17.79 0.08 10.12
N TRP A 6 -16.60 0.30 10.65
CA TRP A 6 -16.44 1.04 11.89
C TRP A 6 -17.04 2.43 11.76
N SER A 7 -17.80 2.84 12.78
CA SER A 7 -18.37 4.19 12.78
C SER A 7 -17.27 5.25 12.71
N GLY A 8 -16.12 4.99 13.34
CA GLY A 8 -14.97 5.84 13.21
C GLY A 8 -13.70 5.01 13.15
N LYS A 9 -12.62 5.67 12.75
CA LYS A 9 -11.33 4.97 12.67
C LYS A 9 -10.78 4.69 14.07
N VAL A 10 -11.12 5.53 15.06
CA VAL A 10 -10.66 5.31 16.42
C VAL A 10 -11.30 4.06 17.00
N ASP A 11 -12.55 3.77 16.64
CA ASP A 11 -13.21 2.56 17.12
C ASP A 11 -12.37 1.32 16.84
N PHE A 12 -11.78 1.25 15.65
CA PHE A 12 -10.96 0.10 15.29
C PHE A 12 -9.66 0.08 16.08
N LEU A 13 -8.95 1.21 16.13
CA LEU A 13 -7.66 1.25 16.80
C LEU A 13 -7.80 1.00 18.29
N LEU A 14 -8.81 1.61 18.92
CA LEU A 14 -9.00 1.41 20.36
C LEU A 14 -9.42 -0.02 20.66
N SER A 15 -10.18 -0.66 19.77
CA SER A 15 -10.61 -2.02 20.00
C SER A 15 -9.56 -3.05 19.62
N VAL A 16 -8.58 -2.68 18.79
CA VAL A 16 -7.41 -3.52 18.59
C VAL A 16 -6.44 -3.36 19.74
N ILE A 17 -6.12 -2.10 20.09
CA ILE A 17 -5.33 -1.83 21.28
C ILE A 17 -5.94 -2.51 22.49
N GLY A 18 -7.26 -2.43 22.62
CA GLY A 18 -7.96 -3.11 23.69
C GLY A 18 -7.66 -4.59 23.72
N TYR A 19 -7.88 -5.28 22.60
CA TYR A 19 -7.67 -6.72 22.57
C TYR A 19 -6.24 -7.12 22.91
N ALA A 20 -5.27 -6.27 22.57
CA ALA A 20 -3.87 -6.62 22.76
C ALA A 20 -3.31 -6.21 24.12
N VAL A 21 -3.83 -5.15 24.72
CA VAL A 21 -3.34 -4.69 26.02
C VAL A 21 -4.22 -5.34 27.08
N GLY A 22 -3.77 -6.49 27.58
CA GLY A 22 -4.47 -7.22 28.61
C GLY A 22 -3.69 -7.34 29.89
N LEU A 23 -3.95 -8.41 30.66
CA LEU A 23 -3.36 -8.55 31.98
C LEU A 23 -1.88 -8.93 31.92
N ALA A 24 -1.46 -9.70 30.92
CA ALA A 24 -0.06 -10.08 30.82
C ALA A 24 0.85 -8.91 30.46
N ASN A 25 0.28 -7.75 30.11
CA ASN A 25 1.09 -6.55 29.97
C ASN A 25 1.59 -6.05 31.32
N VAL A 26 0.91 -6.39 32.41
CA VAL A 26 1.30 -5.93 33.73
C VAL A 26 1.88 -7.04 34.60
N TRP A 27 1.47 -8.28 34.39
CA TRP A 27 1.92 -9.34 35.29
C TRP A 27 2.89 -10.37 34.74
N ARG A 28 3.57 -10.07 33.65
CA ARG A 28 4.59 -10.98 33.15
C ARG A 28 5.78 -10.23 32.58
N PHE A 29 5.53 -9.23 31.76
CA PHE A 29 6.61 -8.45 31.19
C PHE A 29 7.51 -7.86 32.27
N PRO A 30 6.93 -7.15 33.23
CA PRO A 30 7.86 -6.65 34.26
C PRO A 30 8.61 -7.75 34.98
N TYR A 31 8.00 -8.92 35.17
CA TYR A 31 8.71 -10.03 35.82
C TYR A 31 9.87 -10.51 34.96
N LEU A 32 9.63 -10.72 33.67
CA LEU A 32 10.66 -11.27 32.80
C LEU A 32 11.87 -10.35 32.69
N CYS A 33 11.65 -9.03 32.78
CA CYS A 33 12.78 -8.11 32.80
C CYS A 33 13.60 -8.28 34.09
N TYR A 34 12.93 -8.27 35.24
CA TYR A 34 13.61 -8.51 36.50
C TYR A 34 14.28 -9.88 36.53
N LYS A 35 13.69 -10.87 35.86
CA LYS A 35 14.22 -12.22 35.90
C LYS A 35 15.35 -12.44 34.90
N ASN A 36 15.29 -11.78 33.73
CA ASN A 36 16.26 -12.02 32.67
C ASN A 36 17.12 -10.81 32.37
N GLY A 37 17.81 -10.27 33.38
CA GLY A 37 18.84 -9.29 33.13
C GLY A 37 18.38 -7.86 32.99
N GLY A 38 17.24 -7.50 33.57
CA GLY A 38 16.83 -6.10 33.58
C GLY A 38 16.64 -5.56 32.18
N GLY A 39 17.06 -4.31 31.98
CA GLY A 39 16.92 -3.64 30.69
C GLY A 39 17.57 -4.39 29.55
N ALA A 40 18.55 -5.24 29.86
CA ALA A 40 19.20 -6.04 28.83
C ALA A 40 18.22 -7.01 28.17
N PHE A 41 17.16 -7.39 28.88
CA PHE A 41 16.15 -8.27 28.30
C PHE A 41 15.42 -7.61 27.14
N LEU A 42 15.49 -6.28 27.02
CA LEU A 42 14.84 -5.59 25.93
C LEU A 42 15.44 -5.93 24.57
N VAL A 43 16.63 -6.53 24.54
CA VAL A 43 17.28 -6.84 23.27
C VAL A 43 16.64 -8.09 22.67
N PRO A 44 16.67 -9.26 23.32
CA PRO A 44 15.95 -10.40 22.73
C PRO A 44 14.46 -10.17 22.65
N TYR A 45 13.90 -9.40 23.57
CA TYR A 45 12.49 -9.04 23.48
C TYR A 45 12.20 -8.22 22.22
N GLY A 46 13.01 -7.18 21.98
CA GLY A 46 12.80 -6.35 20.81
C GLY A 46 13.06 -7.07 19.50
N ILE A 47 14.03 -8.01 19.50
CA ILE A 47 14.34 -8.74 18.27
C ILE A 47 13.23 -9.73 17.95
N MET A 48 12.77 -10.50 18.95
CA MET A 48 11.66 -11.40 18.70
C MET A 48 10.40 -10.63 18.35
N LEU A 49 10.24 -9.43 18.92
CA LEU A 49 9.15 -8.56 18.52
C LEU A 49 9.28 -8.18 17.05
N ALA A 50 10.50 -7.87 16.61
CA ALA A 50 10.69 -7.34 15.26
C ALA A 50 10.54 -8.42 14.20
N VAL A 51 11.05 -9.62 14.44
CA VAL A 51 11.08 -10.66 13.41
C VAL A 51 9.96 -11.68 13.60
N GLY A 52 9.48 -11.84 14.83
CA GLY A 52 8.48 -12.84 15.11
C GLY A 52 7.08 -12.30 15.32
N GLY A 53 6.91 -11.47 16.34
CA GLY A 53 5.60 -10.99 16.72
C GLY A 53 4.98 -10.02 15.73
N ILE A 54 5.65 -8.89 15.49
CA ILE A 54 5.12 -7.87 14.58
C ILE A 54 4.79 -8.46 13.22
N PRO A 55 5.65 -9.26 12.57
CA PRO A 55 5.28 -9.82 11.27
C PRO A 55 4.01 -10.66 11.31
N LEU A 56 3.78 -11.40 12.39
CA LEU A 56 2.55 -12.18 12.50
C LEU A 56 1.36 -11.28 12.83
N PHE A 57 1.58 -10.24 13.61
CA PHE A 57 0.53 -9.25 13.89
C PHE A 57 0.09 -8.57 12.60
N TYR A 58 1.05 -8.07 11.81
CA TYR A 58 0.74 -7.44 10.53
C TYR A 58 0.01 -8.39 9.59
N MET A 59 0.42 -9.67 9.58
CA MET A 59 -0.10 -10.61 8.58
C MET A 59 -1.60 -10.86 8.76
N GLU A 60 -2.06 -11.04 10.00
CA GLU A 60 -3.46 -11.33 10.22
C GLU A 60 -4.34 -10.11 9.99
N LEU A 61 -3.84 -8.93 10.37
CA LEU A 61 -4.60 -7.71 10.14
C LEU A 61 -4.84 -7.48 8.65
N ALA A 62 -3.80 -7.69 7.83
CA ALA A 62 -3.95 -7.53 6.39
C ALA A 62 -4.83 -8.62 5.80
N LEU A 63 -4.71 -9.85 6.31
CA LEU A 63 -5.58 -10.94 5.85
C LEU A 63 -7.04 -10.63 6.11
N GLY A 64 -7.35 -10.05 7.27
CA GLY A 64 -8.74 -9.75 7.59
C GLY A 64 -9.30 -8.63 6.73
N GLN A 65 -8.53 -7.55 6.59
CA GLN A 65 -8.98 -6.42 5.78
C GLN A 65 -9.14 -6.82 4.31
N HIS A 66 -8.26 -7.71 3.84
CA HIS A 66 -8.29 -8.04 2.43
C HIS A 66 -9.41 -9.00 2.08
N ASN A 67 -9.55 -10.10 2.83
CA ASN A 67 -10.52 -11.14 2.49
C ASN A 67 -11.91 -10.84 3.02
N ARG A 68 -12.05 -9.92 3.98
CA ARG A 68 -13.34 -9.36 4.38
C ARG A 68 -14.30 -10.42 4.91
N LYS A 69 -13.78 -11.43 5.59
CA LYS A 69 -14.64 -12.46 6.17
C LYS A 69 -14.03 -12.94 7.49
N GLY A 70 -14.86 -13.62 8.28
CA GLY A 70 -14.45 -14.16 9.56
C GLY A 70 -13.43 -15.28 9.40
N ALA A 71 -13.16 -15.94 10.54
CA ALA A 71 -12.02 -16.84 10.63
C ALA A 71 -12.17 -18.06 9.74
N ILE A 72 -13.33 -18.71 9.77
CA ILE A 72 -13.47 -19.99 9.09
C ILE A 72 -13.83 -19.80 7.62
N THR A 73 -14.53 -18.70 7.27
CA THR A 73 -14.80 -18.41 5.88
C THR A 73 -13.54 -17.94 5.17
N CYS A 74 -12.69 -17.17 5.86
CA CYS A 74 -11.48 -16.64 5.23
C CYS A 74 -10.46 -17.74 4.96
N TRP A 75 -10.24 -18.63 5.91
CA TRP A 75 -9.22 -19.66 5.72
C TRP A 75 -9.63 -20.68 4.68
N GLY A 76 -10.94 -20.90 4.51
CA GLY A 76 -11.40 -21.72 3.41
C GLY A 76 -11.17 -21.05 2.07
N ARG A 77 -11.32 -19.73 2.02
CA ARG A 77 -11.14 -18.97 0.79
C ARG A 77 -9.67 -18.80 0.42
N LEU A 78 -8.76 -18.95 1.38
CA LEU A 78 -7.33 -18.85 1.12
C LEU A 78 -6.75 -20.16 0.64
N VAL A 79 -6.95 -21.22 1.42
CA VAL A 79 -6.54 -22.57 1.05
C VAL A 79 -7.69 -23.48 1.50
N PRO A 80 -8.52 -23.98 0.58
CA PRO A 80 -9.68 -24.78 0.99
C PRO A 80 -9.29 -26.04 1.74
N LEU A 81 -8.13 -26.63 1.40
CA LEU A 81 -7.65 -27.80 2.13
C LEU A 81 -7.44 -27.50 3.61
N PHE A 82 -7.12 -26.25 3.96
CA PHE A 82 -6.87 -25.85 5.32
C PHE A 82 -8.04 -25.09 5.94
N LYS A 83 -9.27 -25.36 5.49
CA LYS A 83 -10.42 -24.72 6.10
C LYS A 83 -10.55 -25.07 7.58
N GLY A 84 -9.94 -26.19 8.01
CA GLY A 84 -10.00 -26.57 9.41
C GLY A 84 -9.29 -25.61 10.34
N ILE A 85 -8.35 -24.82 9.82
CA ILE A 85 -7.70 -23.81 10.65
C ILE A 85 -8.74 -22.88 11.26
N GLY A 86 -9.76 -22.52 10.49
CA GLY A 86 -10.80 -21.67 11.04
C GLY A 86 -11.54 -22.34 12.18
N TYR A 87 -11.86 -23.63 12.03
CA TYR A 87 -12.63 -24.31 13.06
C TYR A 87 -11.80 -24.53 14.33
N ALA A 88 -10.55 -24.97 14.16
CA ALA A 88 -9.65 -25.13 15.31
C ALA A 88 -9.54 -23.83 16.10
N VAL A 89 -9.44 -22.71 15.38
CA VAL A 89 -9.18 -21.43 16.02
C VAL A 89 -10.44 -20.87 16.67
N VAL A 90 -11.61 -21.13 16.10
CA VAL A 90 -12.84 -20.70 16.75
C VAL A 90 -13.16 -21.60 17.95
N LEU A 91 -12.68 -22.85 17.92
CA LEU A 91 -12.83 -23.72 19.09
C LEU A 91 -11.88 -23.30 20.20
N ILE A 92 -10.64 -22.94 19.84
CA ILE A 92 -9.66 -22.52 20.85
C ILE A 92 -10.19 -21.33 21.63
N SER A 93 -10.67 -20.31 20.91
CA SER A 93 -11.26 -19.15 21.58
C SER A 93 -12.60 -19.48 22.22
N PHE A 94 -13.23 -20.58 21.82
CA PHE A 94 -14.42 -21.04 22.52
C PHE A 94 -14.06 -21.59 23.90
N TYR A 95 -13.00 -22.41 23.97
CA TYR A 95 -12.53 -22.93 25.26
C TYR A 95 -11.98 -21.81 26.12
N LEU A 96 -11.33 -20.81 25.51
CA LEU A 96 -10.69 -19.75 26.27
C LEU A 96 -11.68 -19.03 27.18
N ASN A 97 -12.92 -18.88 26.72
CA ASN A 97 -13.93 -18.20 27.53
C ASN A 97 -14.51 -19.10 28.61
N PHE A 98 -14.11 -20.37 28.66
CA PHE A 98 -14.52 -21.23 29.77
C PHE A 98 -13.70 -20.99 31.04
N TYR A 99 -12.60 -20.23 30.96
CA TYR A 99 -11.79 -20.01 32.15
C TYR A 99 -11.20 -18.59 32.25
N TYR A 100 -10.80 -17.99 31.12
CA TYR A 100 -10.12 -16.70 31.19
C TYR A 100 -11.01 -15.61 31.77
N ASN A 101 -12.32 -15.71 31.58
CA ASN A 101 -13.23 -14.68 32.07
C ASN A 101 -13.26 -14.60 33.59
N VAL A 102 -12.85 -15.66 34.30
CA VAL A 102 -12.95 -15.65 35.75
C VAL A 102 -12.01 -14.63 36.36
N ILE A 103 -10.92 -14.30 35.67
CA ILE A 103 -9.97 -13.32 36.20
C ILE A 103 -10.59 -11.92 36.21
N ILE A 104 -11.49 -11.64 35.28
CA ILE A 104 -12.23 -10.38 35.33
C ILE A 104 -13.17 -10.36 36.52
N ALA A 105 -13.81 -11.51 36.81
CA ALA A 105 -14.69 -11.60 37.95
C ALA A 105 -13.93 -11.48 39.27
N TRP A 106 -12.74 -12.09 39.34
CA TRP A 106 -11.89 -11.92 40.52
C TRP A 106 -11.59 -10.44 40.77
N SER A 107 -11.27 -9.70 39.70
CA SER A 107 -11.01 -8.28 39.85
C SER A 107 -12.24 -7.51 40.30
N LEU A 108 -13.42 -7.91 39.80
CA LEU A 108 -14.65 -7.26 40.21
C LEU A 108 -15.02 -7.62 41.65
N ARG A 109 -14.75 -8.87 42.05
CA ARG A 109 -14.99 -9.26 43.44
C ARG A 109 -14.08 -8.47 44.38
N PHE A 110 -12.82 -8.28 44.00
CA PHE A 110 -11.93 -7.43 44.77
C PHE A 110 -12.35 -5.96 44.69
N PHE A 111 -12.97 -5.56 43.57
CA PHE A 111 -13.45 -4.19 43.44
C PHE A 111 -14.58 -3.92 44.43
N PHE A 112 -15.60 -4.80 44.46
CA PHE A 112 -16.68 -4.64 45.41
C PHE A 112 -16.20 -4.81 46.84
N ALA A 113 -15.14 -5.59 47.04
CA ALA A 113 -14.58 -5.75 48.37
C ALA A 113 -13.83 -4.51 48.84
N SER A 114 -13.45 -3.62 47.93
CA SER A 114 -12.67 -2.44 48.27
C SER A 114 -13.54 -1.27 48.76
N PHE A 115 -14.86 -1.44 48.80
CA PHE A 115 -15.75 -0.37 49.24
C PHE A 115 -15.81 -0.35 50.77
N THR A 116 -14.67 -0.03 51.37
CA THR A 116 -14.52 0.01 52.82
C THR A 116 -13.40 0.97 53.18
N ASN A 117 -13.23 1.19 54.48
CA ASN A 117 -12.22 2.10 55.01
C ASN A 117 -10.93 1.42 55.42
N SER A 118 -11.00 0.15 55.84
CA SER A 118 -9.83 -0.67 56.12
C SER A 118 -9.93 -1.92 55.26
N LEU A 119 -9.05 -2.04 54.28
CA LEU A 119 -9.13 -3.14 53.34
C LEU A 119 -8.93 -4.47 54.07
N PRO A 120 -9.71 -5.50 53.73
CA PRO A 120 -9.75 -6.72 54.56
C PRO A 120 -8.55 -7.64 54.43
N TRP A 121 -7.61 -7.39 53.52
CA TRP A 121 -6.46 -8.29 53.38
C TRP A 121 -5.26 -7.83 54.18
N THR A 122 -5.42 -6.85 55.07
CA THR A 122 -4.27 -6.28 55.77
C THR A 122 -3.76 -7.19 56.88
N SER A 123 -4.62 -7.56 57.81
CA SER A 123 -4.20 -8.17 59.06
C SER A 123 -4.34 -9.68 59.04
N CYS A 124 -3.83 -10.30 60.11
CA CYS A 124 -3.78 -11.76 60.23
C CYS A 124 -4.75 -12.30 61.27
N ASN A 125 -5.69 -11.49 61.75
CA ASN A 125 -6.53 -11.89 62.87
C ASN A 125 -8.00 -12.01 62.49
N ASN A 126 -8.28 -12.76 61.43
CA ASN A 126 -9.65 -12.91 60.92
C ASN A 126 -10.11 -14.35 61.04
N ILE A 127 -11.36 -14.58 60.64
CA ILE A 127 -11.92 -15.94 60.64
C ILE A 127 -11.07 -16.85 59.78
N TRP A 128 -10.85 -16.45 58.53
CA TRP A 128 -10.20 -17.29 57.54
C TRP A 128 -8.73 -17.52 57.83
N ASN A 129 -8.12 -16.70 58.68
CA ASN A 129 -6.68 -16.81 58.90
C ASN A 129 -6.32 -18.07 59.67
N THR A 130 -5.08 -18.50 59.49
CA THR A 130 -4.45 -19.60 60.17
C THR A 130 -3.40 -19.07 61.14
N PRO A 131 -2.89 -19.90 62.06
CA PRO A 131 -1.85 -19.41 62.96
C PRO A 131 -0.57 -19.03 62.24
N ASN A 132 -0.31 -19.63 61.09
CA ASN A 132 0.92 -19.40 60.34
C ASN A 132 0.82 -18.19 59.42
N CYS A 133 -0.24 -17.38 59.55
CA CYS A 133 -0.31 -16.13 58.82
C CYS A 133 0.81 -15.20 59.28
N ARG A 134 1.35 -14.43 58.34
CA ARG A 134 2.32 -13.39 58.63
C ARG A 134 1.92 -12.16 57.82
N PRO A 135 2.39 -10.98 58.22
CA PRO A 135 1.88 -9.75 57.57
C PRO A 135 2.15 -9.68 56.07
N PHE A 136 3.37 -9.96 55.64
CA PHE A 136 3.72 -9.82 54.23
C PHE A 136 4.41 -11.10 53.74
N GLU A 137 4.82 -11.08 52.48
CA GLU A 137 5.28 -12.29 51.81
C GLU A 137 6.55 -12.84 52.45
N GLY A 138 6.64 -14.17 52.45
CA GLY A 138 7.84 -14.86 52.87
C GLY A 138 8.25 -15.90 51.84
N HIS A 139 9.39 -16.55 52.11
CA HIS A 139 9.92 -17.57 51.23
C HIS A 139 9.70 -18.98 51.75
N VAL A 140 9.13 -19.14 52.94
CA VAL A 140 8.76 -20.45 53.47
C VAL A 140 7.32 -20.73 53.07
N GLU A 141 7.07 -21.91 52.51
CA GLU A 141 5.79 -22.17 51.87
C GLU A 141 4.67 -22.40 52.87
N GLY A 142 4.97 -22.94 54.05
CA GLY A 142 3.92 -23.20 55.02
C GLY A 142 3.37 -21.96 55.69
N PHE A 143 4.00 -20.81 55.50
CA PHE A 143 3.67 -19.59 56.24
C PHE A 143 3.34 -18.48 55.24
N GLN A 144 2.04 -18.29 54.99
CA GLN A 144 1.53 -17.42 53.96
C GLN A 144 1.33 -16.01 54.49
N SER A 145 1.23 -15.06 53.56
CA SER A 145 0.95 -13.68 53.90
C SER A 145 -0.54 -13.47 54.14
N ALA A 146 -0.86 -12.34 54.77
CA ALA A 146 -2.26 -12.01 55.02
C ALA A 146 -3.03 -11.86 53.71
N ALA A 147 -2.39 -11.28 52.69
CA ALA A 147 -3.07 -11.14 51.40
C ALA A 147 -3.20 -12.48 50.68
N SER A 148 -2.24 -13.39 50.89
CA SER A 148 -2.36 -14.71 50.30
C SER A 148 -3.46 -15.53 50.98
N GLU A 149 -3.57 -15.42 52.29
CA GLU A 149 -4.61 -16.16 53.00
C GLU A 149 -5.99 -15.58 52.70
N TYR A 150 -6.08 -14.26 52.53
CA TYR A 150 -7.36 -13.66 52.15
C TYR A 150 -7.84 -14.18 50.79
N PHE A 151 -6.91 -14.33 49.85
CA PHE A 151 -7.29 -14.76 48.50
C PHE A 151 -7.65 -16.23 48.48
N ASN A 152 -6.83 -17.08 49.10
CA ASN A 152 -7.08 -18.52 49.06
C ASN A 152 -8.20 -18.95 50.01
N ARG A 153 -8.32 -18.30 51.18
CA ARG A 153 -9.21 -18.79 52.22
C ARG A 153 -10.52 -18.01 52.33
N TYR A 154 -10.60 -16.79 51.83
CA TYR A 154 -11.86 -16.05 51.81
C TYR A 154 -12.44 -15.92 50.41
N ILE A 155 -11.69 -15.35 49.46
CA ILE A 155 -12.22 -15.17 48.10
C ILE A 155 -12.43 -16.52 47.43
N LEU A 156 -11.41 -17.39 47.45
CA LEU A 156 -11.45 -18.63 46.69
C LEU A 156 -12.02 -19.79 47.50
N GLU A 157 -11.77 -19.83 48.80
CA GLU A 157 -12.07 -21.00 49.63
C GLU A 157 -11.42 -22.26 49.06
N LEU A 158 -10.26 -22.07 48.42
CA LEU A 158 -9.55 -23.17 47.79
C LEU A 158 -9.10 -24.21 48.80
N ASN A 159 -8.95 -23.83 50.07
CA ASN A 159 -8.50 -24.77 51.10
C ASN A 159 -9.54 -25.84 51.39
N ARG A 160 -10.82 -25.56 51.13
CA ARG A 160 -11.90 -26.52 51.39
C ARG A 160 -12.08 -27.52 50.26
N SER A 161 -11.15 -27.58 49.30
CA SER A 161 -11.22 -28.49 48.18
C SER A 161 -10.01 -29.40 48.20
N GLU A 162 -10.23 -30.70 48.00
CA GLU A 162 -9.17 -31.69 48.02
C GLU A 162 -8.61 -32.00 46.63
N GLY A 163 -8.99 -31.21 45.63
CA GLY A 163 -8.45 -31.39 44.29
C GLY A 163 -9.53 -31.17 43.25
N ILE A 164 -9.26 -31.69 42.05
CA ILE A 164 -10.17 -31.49 40.93
C ILE A 164 -11.45 -32.29 41.11
N HIS A 165 -11.37 -33.48 41.71
CA HIS A 165 -12.56 -34.28 41.94
C HIS A 165 -13.52 -33.62 42.92
N ASP A 166 -13.00 -32.76 43.79
CA ASP A 166 -13.77 -32.12 44.85
C ASP A 166 -13.86 -30.63 44.54
N LEU A 167 -14.84 -30.25 43.73
CA LEU A 167 -15.14 -28.83 43.52
C LEU A 167 -15.92 -28.25 44.69
N GLY A 168 -16.80 -29.04 45.30
CA GLY A 168 -17.52 -28.57 46.47
C GLY A 168 -18.60 -27.56 46.15
N ALA A 169 -18.93 -26.76 47.17
CA ALA A 169 -20.02 -25.81 47.06
C ALA A 169 -19.73 -24.75 46.01
N ILE A 170 -20.79 -24.25 45.41
CA ILE A 170 -20.69 -23.19 44.41
C ILE A 170 -20.77 -21.85 45.13
N LYS A 171 -19.70 -21.07 45.05
CA LYS A 171 -19.59 -19.81 45.77
C LYS A 171 -20.43 -18.77 45.05
N TRP A 172 -21.60 -18.47 45.61
CA TRP A 172 -22.63 -17.73 44.88
C TRP A 172 -22.31 -16.24 44.75
N ASP A 173 -21.45 -15.69 45.62
CA ASP A 173 -21.04 -14.30 45.45
C ASP A 173 -20.15 -14.12 44.23
N MET A 174 -19.50 -15.18 43.77
CA MET A 174 -18.67 -15.10 42.58
C MET A 174 -19.42 -15.48 41.31
N ALA A 175 -20.41 -16.37 41.42
CA ALA A 175 -21.35 -16.54 40.31
C ALA A 175 -22.04 -15.23 39.98
N LEU A 176 -22.24 -14.37 40.98
CA LEU A 176 -22.79 -13.05 40.73
C LEU A 176 -21.82 -12.17 39.96
N CYS A 177 -20.54 -12.18 40.37
CA CYS A 177 -19.54 -11.35 39.69
C CYS A 177 -19.33 -11.81 38.26
N LEU A 178 -19.25 -13.13 38.04
CA LEU A 178 -19.12 -13.65 36.67
C LEU A 178 -20.33 -13.25 35.82
N LEU A 179 -21.50 -13.15 36.44
CA LEU A 179 -22.69 -12.71 35.70
C LEU A 179 -22.60 -11.24 35.33
N ILE A 180 -22.12 -10.39 36.24
CA ILE A 180 -21.92 -8.99 35.92
C ILE A 180 -20.91 -8.84 34.80
N VAL A 181 -19.90 -9.70 34.76
CA VAL A 181 -18.92 -9.66 33.68
C VAL A 181 -19.58 -10.03 32.36
N TYR A 182 -20.32 -11.14 32.34
CA TYR A 182 -20.95 -11.58 31.10
C TYR A 182 -22.07 -10.64 30.67
N LEU A 183 -22.74 -9.99 31.62
CA LEU A 183 -23.72 -8.97 31.25
C LEU A 183 -23.04 -7.77 30.60
N ILE A 184 -21.91 -7.33 31.15
CA ILE A 184 -21.16 -6.24 30.55
C ILE A 184 -20.70 -6.62 29.16
N CYS A 185 -20.22 -7.86 28.99
CA CYS A 185 -19.79 -8.31 27.67
C CYS A 185 -20.95 -8.39 26.69
N TYR A 186 -22.16 -8.59 27.18
CA TYR A 186 -23.30 -8.74 26.29
C TYR A 186 -23.73 -7.41 25.70
N PHE A 187 -24.23 -6.50 26.55
CA PHE A 187 -24.77 -5.23 26.07
C PHE A 187 -23.70 -4.33 25.45
N SER A 188 -22.47 -4.82 25.31
CA SER A 188 -21.45 -4.18 24.50
C SER A 188 -21.17 -4.94 23.21
N LEU A 189 -21.61 -6.19 23.10
CA LEU A 189 -21.31 -7.02 21.94
C LEU A 189 -22.53 -7.55 21.21
N TRP A 190 -23.74 -7.14 21.59
CA TRP A 190 -24.93 -7.72 20.96
C TRP A 190 -25.38 -6.97 19.71
N LYS A 191 -25.19 -5.64 19.66
CA LYS A 191 -25.55 -4.86 18.49
C LYS A 191 -24.42 -4.75 17.48
N GLY A 192 -23.40 -5.61 17.58
CA GLY A 192 -22.29 -5.54 16.66
C GLY A 192 -21.28 -4.46 17.03
N ILE A 193 -20.45 -4.10 16.05
CA ILE A 193 -19.37 -3.15 16.30
C ILE A 193 -19.83 -1.70 16.35
N SER A 194 -21.11 -1.42 16.07
CA SER A 194 -21.60 -0.06 16.25
C SER A 194 -21.59 0.34 17.71
N THR A 195 -21.89 -0.60 18.61
CA THR A 195 -21.78 -0.40 20.05
C THR A 195 -20.46 -0.89 20.62
N SER A 196 -19.94 -2.00 20.09
CA SER A 196 -18.65 -2.52 20.53
C SER A 196 -17.56 -1.47 20.39
N GLY A 197 -17.47 -0.84 19.22
CA GLY A 197 -16.45 0.15 18.98
C GLY A 197 -16.56 1.40 19.83
N LYS A 198 -17.64 1.53 20.60
CA LYS A 198 -17.83 2.66 21.50
C LYS A 198 -17.58 2.31 22.97
N VAL A 199 -18.05 1.14 23.40
CA VAL A 199 -17.75 0.67 24.75
C VAL A 199 -16.25 0.60 24.96
N VAL A 200 -15.52 0.19 23.93
CA VAL A 200 -14.08 0.05 24.02
C VAL A 200 -13.36 1.37 24.23
N TRP A 201 -14.07 2.50 24.16
CA TRP A 201 -13.45 3.78 24.51
C TRP A 201 -13.19 3.86 26.00
N PHE A 202 -14.14 3.39 26.83
CA PHE A 202 -13.89 3.35 28.26
C PHE A 202 -12.86 2.27 28.61
N THR A 203 -13.08 1.05 28.11
CA THR A 203 -12.31 -0.09 28.59
C THR A 203 -10.86 -0.05 28.10
N ALA A 204 -10.60 0.54 26.92
CA ALA A 204 -9.24 0.58 26.40
C ALA A 204 -8.49 1.83 26.80
N LEU A 205 -9.18 2.90 27.21
CA LEU A 205 -8.52 4.11 27.67
C LEU A 205 -8.39 4.21 29.17
N PHE A 206 -9.33 3.63 29.93
CA PHE A 206 -9.24 3.68 31.39
C PHE A 206 -7.93 3.12 31.94
N PRO A 207 -7.36 2.03 31.42
CA PRO A 207 -6.05 1.59 31.93
C PRO A 207 -4.98 2.66 31.88
N TYR A 208 -5.10 3.63 30.98
CA TYR A 208 -4.08 4.67 30.90
C TYR A 208 -4.29 5.76 31.95
N ALA A 209 -5.54 6.05 32.31
CA ALA A 209 -5.79 6.88 33.48
C ALA A 209 -5.31 6.17 34.74
N ALA A 210 -5.62 4.89 34.87
CA ALA A 210 -5.21 4.13 36.05
C ALA A 210 -3.70 3.99 36.11
N LEU A 211 -3.05 3.70 34.98
CA LEU A 211 -1.59 3.61 34.96
C LEU A 211 -0.96 4.94 35.32
N LEU A 212 -1.58 6.05 34.90
CA LEU A 212 -0.97 7.36 35.11
C LEU A 212 -0.96 7.74 36.59
N ILE A 213 -2.09 7.62 37.27
CA ILE A 213 -2.14 8.01 38.68
C ILE A 213 -1.42 6.98 39.56
N LEU A 214 -1.44 5.70 39.18
CA LEU A 214 -0.65 4.72 39.91
C LEU A 214 0.83 4.88 39.63
N LEU A 215 1.19 5.39 38.46
CA LEU A 215 2.60 5.71 38.19
C LEU A 215 3.05 6.87 39.05
N ILE A 216 2.22 7.89 39.20
CA ILE A 216 2.57 9.01 40.07
C ILE A 216 2.60 8.56 41.53
N ARG A 217 1.51 7.93 41.99
CA ARG A 217 1.48 7.41 43.35
C ARG A 217 2.65 6.46 43.59
N GLY A 218 2.89 5.55 42.64
CA GLY A 218 3.95 4.58 42.82
C GLY A 218 5.34 5.19 42.85
N LEU A 219 5.55 6.25 42.07
CA LEU A 219 6.89 6.83 41.97
C LEU A 219 7.20 7.81 43.09
N THR A 220 6.27 8.07 44.01
CA THR A 220 6.49 9.00 45.10
C THR A 220 6.50 8.34 46.48
N LEU A 221 6.81 7.04 46.55
CA LEU A 221 6.98 6.41 47.86
C LEU A 221 8.44 6.14 48.15
N PRO A 222 8.81 6.12 49.43
CA PRO A 222 10.19 5.77 49.80
C PRO A 222 10.58 4.42 49.23
N GLY A 223 11.79 4.35 48.69
CA GLY A 223 12.25 3.15 48.03
C GLY A 223 11.76 2.96 46.61
N SER A 224 11.09 3.95 46.04
CA SER A 224 10.56 3.82 44.68
C SER A 224 11.68 3.61 43.68
N PHE A 225 12.81 4.28 43.85
CA PHE A 225 13.91 4.15 42.90
C PHE A 225 14.55 2.78 42.98
N LEU A 226 14.63 2.19 44.18
CA LEU A 226 15.20 0.86 44.33
C LEU A 226 14.43 -0.17 43.52
N GLY A 227 13.12 0.03 43.36
CA GLY A 227 12.34 -0.87 42.53
C GLY A 227 12.70 -0.74 41.05
N ILE A 228 12.86 0.50 40.57
CA ILE A 228 13.25 0.73 39.18
C ILE A 228 14.61 0.08 38.90
N GLN A 229 15.43 -0.06 39.94
CA GLN A 229 16.73 -0.72 39.76
C GLN A 229 16.55 -2.20 39.47
N TYR A 230 15.81 -2.91 40.33
CA TYR A 230 15.52 -4.32 40.08
C TYR A 230 14.85 -4.50 38.73
N TYR A 231 14.01 -3.54 38.33
CA TYR A 231 13.30 -3.63 37.07
C TYR A 231 14.26 -3.62 35.88
N LEU A 232 15.23 -2.70 35.89
CA LEU A 232 15.90 -2.32 34.65
C LEU A 232 17.42 -2.39 34.64
N THR A 233 18.10 -2.42 35.79
CA THR A 233 19.56 -2.40 35.76
C THR A 233 20.09 -3.57 34.93
N PRO A 234 20.83 -3.31 33.86
CA PRO A 234 21.13 -4.37 32.89
C PRO A 234 22.16 -5.35 33.38
N ASN A 235 21.99 -6.60 32.95
CA ASN A 235 22.93 -7.69 33.20
C ASN A 235 22.97 -8.48 31.90
N PHE A 236 23.84 -8.07 30.98
CA PHE A 236 23.88 -8.63 29.63
C PHE A 236 24.32 -10.09 29.59
N SER A 237 24.59 -10.71 30.74
CA SER A 237 24.82 -12.15 30.75
C SER A 237 23.57 -12.92 30.34
N ALA A 238 22.39 -12.35 30.59
CA ALA A 238 21.15 -13.03 30.25
C ALA A 238 21.03 -13.26 28.74
N ILE A 239 21.42 -12.26 27.94
CA ILE A 239 21.29 -12.32 26.49
C ILE A 239 21.84 -13.63 25.94
N TYR A 240 22.94 -14.11 26.51
CA TYR A 240 23.57 -15.33 26.02
C TYR A 240 22.74 -16.58 26.32
N LYS A 241 21.85 -16.54 27.31
CA LYS A 241 21.10 -17.72 27.71
C LYS A 241 19.96 -17.99 26.73
N ALA A 242 19.90 -19.22 26.23
CA ALA A 242 18.87 -19.58 25.25
C ALA A 242 17.47 -19.57 25.86
N GLU A 243 17.35 -19.71 27.19
CA GLU A 243 16.03 -19.66 27.81
C GLU A 243 15.41 -18.27 27.65
N VAL A 244 16.18 -17.22 27.95
CA VAL A 244 15.61 -15.88 27.93
C VAL A 244 15.23 -15.47 26.51
N TRP A 245 15.89 -16.05 25.51
CA TRP A 245 15.47 -15.83 24.13
C TRP A 245 14.13 -16.48 23.87
N ALA A 246 13.95 -17.71 24.37
CA ALA A 246 12.63 -18.35 24.30
C ALA A 246 11.65 -17.70 25.25
N ASP A 247 12.13 -17.14 26.37
CA ASP A 247 11.26 -16.35 27.23
C ASP A 247 10.77 -15.10 26.52
N ALA A 248 11.66 -14.41 25.81
CA ALA A 248 11.26 -13.25 25.02
C ALA A 248 10.34 -13.67 23.87
N ALA A 249 10.72 -14.71 23.14
CA ALA A 249 9.91 -15.18 22.02
C ALA A 249 8.50 -15.52 22.48
N THR A 250 8.40 -16.27 23.58
CA THR A 250 7.08 -16.68 24.08
C THR A 250 6.25 -15.48 24.51
N GLN A 251 6.87 -14.53 25.20
CA GLN A 251 6.12 -13.37 25.69
C GLN A 251 5.65 -12.49 24.55
N VAL A 252 6.49 -12.30 23.53
CA VAL A 252 6.12 -11.44 22.40
C VAL A 252 4.95 -12.04 21.64
N PHE A 253 4.97 -13.35 21.42
CA PHE A 253 3.87 -14.02 20.72
C PHE A 253 2.57 -13.90 21.52
N PHE A 254 2.63 -14.18 22.82
CA PHE A 254 1.41 -14.19 23.64
C PHE A 254 0.85 -12.78 23.81
N SER A 255 1.71 -11.78 23.95
CA SER A 255 1.24 -10.42 24.23
C SER A 255 0.56 -9.79 23.04
N LEU A 256 0.84 -10.25 21.82
CA LEU A 256 0.19 -9.70 20.63
C LEU A 256 -1.04 -10.48 20.21
N GLY A 257 -1.13 -11.75 20.59
CA GLY A 257 -2.28 -12.59 20.31
C GLY A 257 -2.67 -12.69 18.84
N PRO A 258 -1.76 -13.12 17.97
CA PRO A 258 -2.10 -13.27 16.56
C PRO A 258 -2.53 -14.69 16.21
N GLY A 259 -3.46 -14.76 15.26
CA GLY A 259 -3.90 -16.03 14.72
C GLY A 259 -5.19 -16.57 15.29
N LEU A 260 -5.76 -15.92 16.31
CA LEU A 260 -7.00 -16.38 16.91
C LEU A 260 -8.23 -15.95 16.13
N GLY A 261 -8.06 -15.27 14.99
CA GLY A 261 -9.19 -14.84 14.20
C GLY A 261 -9.96 -13.67 14.75
N SER A 262 -9.43 -12.97 15.75
CA SER A 262 -10.07 -11.78 16.31
C SER A 262 -9.49 -10.49 15.75
N LEU A 263 -8.16 -10.40 15.62
CA LEU A 263 -7.58 -9.33 14.81
C LEU A 263 -8.10 -9.42 13.38
N LEU A 264 -8.13 -10.63 12.84
CA LEU A 264 -8.75 -10.88 11.54
C LEU A 264 -10.20 -10.39 11.51
N ALA A 265 -10.95 -10.64 12.59
CA ALA A 265 -12.35 -10.23 12.63
C ALA A 265 -12.48 -8.71 12.65
N TYR A 266 -11.74 -8.05 13.56
CA TYR A 266 -11.79 -6.60 13.63
C TYR A 266 -11.36 -5.96 12.32
N ALA A 267 -10.34 -6.53 11.67
CA ALA A 267 -9.85 -5.96 10.42
C ALA A 267 -10.78 -6.24 9.25
N SER A 268 -11.60 -7.30 9.33
CA SER A 268 -12.53 -7.60 8.25
C SER A 268 -13.54 -6.49 8.04
N TYR A 269 -13.80 -5.69 9.06
CA TYR A 269 -14.73 -4.57 8.98
C TYR A 269 -14.07 -3.28 8.55
N ASN A 270 -12.79 -3.31 8.20
CA ASN A 270 -12.10 -2.12 7.73
C ASN A 270 -12.46 -1.84 6.27
N LYS A 271 -12.19 -0.60 5.86
CA LYS A 271 -12.29 -0.27 4.45
C LYS A 271 -11.13 -0.89 3.69
N TYR A 272 -11.40 -1.38 2.48
CA TYR A 272 -10.44 -2.21 1.76
C TYR A 272 -9.11 -1.49 1.53
N HIS A 273 -9.13 -0.16 1.43
CA HIS A 273 -7.93 0.61 1.12
C HIS A 273 -7.35 1.29 2.35
N ASN A 274 -7.81 0.93 3.54
CA ASN A 274 -7.21 1.48 4.75
C ASN A 274 -5.76 1.02 4.88
N ASN A 275 -4.90 1.96 5.31
CA ASN A 275 -3.48 1.67 5.46
C ASN A 275 -3.31 0.73 6.65
N VAL A 276 -3.50 -0.57 6.38
CA VAL A 276 -3.40 -1.57 7.44
C VAL A 276 -1.97 -1.71 7.93
N TYR A 277 -0.99 -1.39 7.09
CA TYR A 277 0.41 -1.46 7.53
C TYR A 277 0.70 -0.42 8.60
N LYS A 278 0.28 0.82 8.37
CA LYS A 278 0.41 1.86 9.39
C LYS A 278 -0.29 1.46 10.67
N ASP A 279 -1.52 0.95 10.56
CA ASP A 279 -2.29 0.56 11.74
C ASP A 279 -1.58 -0.54 12.53
N ALA A 280 -1.00 -1.51 11.83
CA ALA A 280 -0.30 -2.60 12.51
C ALA A 280 0.91 -2.09 13.29
N LEU A 281 1.68 -1.17 12.68
CA LEU A 281 2.85 -0.65 13.36
C LEU A 281 2.47 0.22 14.56
N LEU A 282 1.38 0.98 14.44
CA LEU A 282 1.00 1.90 15.50
C LEU A 282 0.50 1.15 16.73
N THR A 283 -0.54 0.32 16.57
CA THR A 283 -1.17 -0.34 17.71
C THR A 283 -0.22 -1.31 18.41
N SER A 284 0.65 -1.96 17.64
CA SER A 284 1.61 -2.90 18.22
C SER A 284 2.67 -2.19 19.07
N PHE A 285 3.10 -1.00 18.66
CA PHE A 285 4.01 -0.23 19.50
C PHE A 285 3.32 0.18 20.79
N ILE A 286 2.07 0.65 20.70
CA ILE A 286 1.31 1.05 21.89
C ILE A 286 1.16 -0.12 22.85
N ASN A 287 1.10 -1.34 22.34
CA ASN A 287 1.03 -2.51 23.21
C ASN A 287 2.32 -2.67 24.02
N SER A 288 3.46 -2.80 23.33
CA SER A 288 4.73 -2.97 24.03
C SER A 288 5.09 -1.75 24.85
N ALA A 289 4.70 -0.56 24.40
CA ALA A 289 4.89 0.65 25.19
C ALA A 289 4.18 0.53 26.54
N THR A 290 2.91 0.11 26.52
CA THR A 290 2.14 0.01 27.76
C THR A 290 2.80 -0.92 28.75
N SER A 291 3.39 -2.01 28.28
CA SER A 291 4.09 -2.93 29.17
C SER A 291 5.28 -2.24 29.83
N PHE A 292 6.02 -1.43 29.07
CA PHE A 292 7.15 -0.70 29.64
C PHE A 292 6.67 0.28 30.72
N ILE A 293 5.61 1.04 30.42
CA ILE A 293 5.04 1.95 31.42
C ILE A 293 4.60 1.18 32.65
N ALA A 294 3.98 0.02 32.44
CA ALA A 294 3.40 -0.73 33.55
C ALA A 294 4.48 -1.27 34.48
N GLY A 295 5.63 -1.65 33.94
CA GLY A 295 6.72 -2.14 34.78
C GLY A 295 7.15 -1.13 35.82
N PHE A 296 7.15 0.16 35.45
CA PHE A 296 7.42 1.20 36.43
C PHE A 296 6.33 1.26 37.49
N VAL A 297 5.06 1.11 37.07
CA VAL A 297 3.95 1.14 38.02
C VAL A 297 4.08 0.01 39.04
N ILE A 298 4.45 -1.17 38.57
CA ILE A 298 4.51 -2.35 39.44
C ILE A 298 5.75 -2.31 40.33
N PHE A 299 6.91 -2.02 39.73
CA PHE A 299 8.16 -2.17 40.47
C PHE A 299 8.48 -0.96 41.34
N SER A 300 7.93 0.22 41.03
CA SER A 300 8.01 1.32 41.99
C SER A 300 7.39 0.91 43.32
N VAL A 301 6.22 0.26 43.25
CA VAL A 301 5.57 -0.26 44.45
C VAL A 301 6.37 -1.43 45.03
N LEU A 302 6.99 -2.26 44.19
CA LEU A 302 7.75 -3.40 44.69
C LEU A 302 8.95 -2.94 45.51
N GLY A 303 9.68 -1.93 45.04
CA GLY A 303 10.79 -1.41 45.82
C GLY A 303 10.34 -0.75 47.10
N TYR A 304 9.16 -0.13 47.10
CA TYR A 304 8.62 0.42 48.33
C TYR A 304 8.35 -0.67 49.35
N MET A 305 7.90 -1.85 48.90
CA MET A 305 7.74 -2.98 49.80
C MET A 305 9.07 -3.39 50.40
N ALA A 306 10.08 -3.59 49.55
CA ALA A 306 11.38 -4.05 50.03
C ALA A 306 12.03 -3.03 50.97
N HIS A 307 11.89 -1.74 50.67
CA HIS A 307 12.57 -0.72 51.46
C HIS A 307 11.92 -0.54 52.82
N THR A 308 10.63 -0.18 52.84
CA THR A 308 9.97 0.22 54.08
C THR A 308 9.16 -0.90 54.73
N LEU A 309 8.83 -1.97 54.02
CA LEU A 309 8.01 -3.04 54.59
C LEU A 309 8.81 -4.28 54.97
N GLY A 310 10.09 -4.35 54.62
CA GLY A 310 10.95 -5.44 55.05
C GLY A 310 10.62 -6.79 54.46
N VAL A 311 10.66 -6.90 53.13
CA VAL A 311 10.46 -8.16 52.43
C VAL A 311 11.63 -8.36 51.48
N ARG A 312 12.06 -9.60 51.31
CA ARG A 312 13.07 -9.91 50.31
C ARG A 312 12.48 -9.73 48.92
N ILE A 313 13.28 -9.16 48.01
CA ILE A 313 12.75 -8.75 46.72
C ILE A 313 12.24 -9.95 45.92
N GLU A 314 12.99 -11.06 45.95
CA GLU A 314 12.57 -12.24 45.20
C GLU A 314 11.32 -12.89 45.79
N ASP A 315 10.96 -12.52 47.02
CA ASP A 315 9.75 -13.06 47.65
C ASP A 315 8.49 -12.34 47.18
N VAL A 316 8.63 -11.15 46.60
CA VAL A 316 7.47 -10.39 46.13
C VAL A 316 7.49 -10.14 44.62
N ALA A 317 8.65 -10.22 43.97
CA ALA A 317 8.74 -10.00 42.53
C ALA A 317 8.28 -11.27 41.82
N THR A 318 6.96 -11.40 41.71
CA THR A 318 6.32 -12.58 41.14
C THR A 318 5.52 -12.19 39.91
N SER A 319 4.95 -13.20 39.24
CA SER A 319 4.17 -13.02 38.03
C SER A 319 2.80 -13.66 38.22
N GLY A 320 1.97 -13.58 37.18
CA GLY A 320 0.68 -14.23 37.18
C GLY A 320 -0.32 -13.56 38.08
N PRO A 321 -1.48 -14.20 38.28
CA PRO A 321 -2.50 -13.64 39.17
C PRO A 321 -2.03 -13.44 40.60
N GLY A 322 -1.00 -14.17 41.04
CA GLY A 322 -0.47 -13.96 42.37
C GLY A 322 0.01 -12.54 42.61
N LEU A 323 0.53 -11.89 41.56
CA LEU A 323 1.08 -10.55 41.73
C LEU A 323 -0.03 -9.52 41.90
N VAL A 324 -1.07 -9.58 41.07
CA VAL A 324 -2.11 -8.55 41.09
C VAL A 324 -3.18 -8.81 42.13
N PHE A 325 -3.22 -10.01 42.72
CA PHE A 325 -4.27 -10.33 43.67
C PHE A 325 -3.79 -10.51 45.11
N VAL A 326 -2.48 -10.62 45.35
CA VAL A 326 -2.02 -10.67 46.74
C VAL A 326 -0.88 -9.68 46.97
N VAL A 327 0.08 -9.60 46.05
CA VAL A 327 1.30 -8.85 46.33
C VAL A 327 1.06 -7.35 46.22
N TYR A 328 0.60 -6.89 45.06
CA TYR A 328 0.32 -5.47 44.89
C TYR A 328 -0.78 -4.97 45.81
N PRO A 329 -1.91 -5.67 46.01
CA PRO A 329 -2.89 -5.18 46.99
C PRO A 329 -2.35 -5.10 48.41
N ALA A 330 -1.38 -5.95 48.77
CA ALA A 330 -0.79 -5.87 50.10
C ALA A 330 -0.04 -4.56 50.28
N ALA A 331 0.66 -4.10 49.25
CA ALA A 331 1.38 -2.84 49.34
C ALA A 331 0.42 -1.66 49.39
N ILE A 332 -0.68 -1.72 48.61
CA ILE A 332 -1.65 -0.65 48.59
C ILE A 332 -2.20 -0.40 49.99
N ALA A 333 -2.52 -1.46 50.72
CA ALA A 333 -3.11 -1.35 52.04
C ALA A 333 -2.20 -0.68 53.07
N THR A 334 -0.92 -0.50 52.76
CA THR A 334 0.01 0.16 53.67
C THR A 334 0.19 1.64 53.38
N MET A 335 -0.22 2.12 52.20
CA MET A 335 -0.01 3.51 51.84
C MET A 335 -1.21 4.35 52.24
N PRO A 336 -1.02 5.66 52.41
CA PRO A 336 -2.16 6.54 52.70
C PRO A 336 -3.17 6.53 51.56
N ALA A 337 -4.42 6.78 51.92
CA ALA A 337 -5.55 6.76 50.98
C ALA A 337 -5.61 5.43 50.23
N SER A 338 -5.52 4.35 51.00
CA SER A 338 -5.35 3.01 50.41
C SER A 338 -6.56 2.59 49.60
N THR A 339 -7.78 2.83 50.12
CA THR A 339 -8.97 2.34 49.44
C THR A 339 -9.27 3.08 48.15
N PHE A 340 -8.65 4.24 47.92
CA PHE A 340 -8.74 4.86 46.60
C PHE A 340 -7.89 4.08 45.58
N TRP A 341 -6.65 3.78 45.95
CA TRP A 341 -5.74 3.11 45.01
C TRP A 341 -6.24 1.72 44.65
N ALA A 342 -6.81 1.01 45.62
CA ALA A 342 -7.35 -0.31 45.34
C ALA A 342 -8.51 -0.24 44.35
N LEU A 343 -9.36 0.79 44.49
CA LEU A 343 -10.54 0.89 43.63
C LEU A 343 -10.15 1.05 42.16
N ILE A 344 -9.26 2.02 41.87
CA ILE A 344 -8.88 2.23 40.48
C ILE A 344 -7.91 1.16 39.99
N PHE A 345 -7.24 0.44 40.90
CA PHE A 345 -6.38 -0.66 40.47
C PHE A 345 -7.21 -1.85 39.98
N PHE A 346 -8.20 -2.26 40.77
CA PHE A 346 -9.02 -3.40 40.37
C PHE A 346 -9.89 -3.06 39.17
N MET A 347 -10.32 -1.80 39.04
CA MET A 347 -11.03 -1.39 37.83
C MET A 347 -10.09 -1.41 36.63
N MET A 348 -8.82 -1.07 36.83
CA MET A 348 -7.84 -1.22 35.76
C MET A 348 -7.72 -2.67 35.33
N LEU A 349 -7.68 -3.59 36.30
CA LEU A 349 -7.59 -5.01 35.98
C LEU A 349 -8.79 -5.46 35.15
N ALA A 350 -10.00 -5.11 35.59
CA ALA A 350 -11.21 -5.54 34.88
C ALA A 350 -11.30 -4.92 33.50
N THR A 351 -11.02 -3.62 33.39
CA THR A 351 -11.04 -2.98 32.07
C THR A 351 -9.89 -3.46 31.19
N LEU A 352 -8.81 -3.96 31.77
CA LEU A 352 -7.77 -4.60 30.98
C LEU A 352 -8.24 -5.94 30.42
N GLY A 353 -9.17 -6.60 31.10
CA GLY A 353 -9.62 -7.92 30.69
C GLY A 353 -10.77 -7.91 29.70
N LEU A 354 -11.73 -7.01 29.91
CA LEU A 354 -12.91 -6.98 29.04
C LEU A 354 -12.53 -6.74 27.59
N ASP A 355 -11.64 -5.76 27.35
CA ASP A 355 -11.10 -5.50 26.02
C ASP A 355 -10.71 -6.79 25.29
N SER A 356 -9.81 -7.56 25.88
CA SER A 356 -9.27 -8.73 25.22
C SER A 356 -10.31 -9.83 25.07
N GLN A 357 -11.24 -9.93 26.02
CA GLN A 357 -12.29 -10.92 25.92
C GLN A 357 -13.34 -10.53 24.88
N PHE A 358 -13.54 -9.23 24.67
CA PHE A 358 -14.35 -8.77 23.54
C PHE A 358 -13.83 -9.35 22.24
N GLY A 359 -12.51 -9.38 22.07
CA GLY A 359 -11.93 -9.87 20.82
C GLY A 359 -12.13 -11.35 20.64
N THR A 360 -11.85 -12.14 21.69
CA THR A 360 -12.00 -13.59 21.58
C THR A 360 -13.43 -13.99 21.27
N VAL A 361 -14.41 -13.29 21.86
CA VAL A 361 -15.80 -13.58 21.57
C VAL A 361 -16.15 -13.12 20.16
N GLU A 362 -15.72 -11.92 19.78
CA GLU A 362 -16.01 -11.41 18.44
C GLU A 362 -15.45 -12.33 17.36
N ALA A 363 -14.29 -12.92 17.62
CA ALA A 363 -13.74 -13.89 16.67
C ALA A 363 -14.71 -15.04 16.44
N ILE A 364 -15.40 -15.47 17.48
CA ILE A 364 -16.38 -16.55 17.34
C ILE A 364 -17.59 -16.07 16.56
N ILE A 365 -18.14 -14.91 16.94
CA ILE A 365 -19.36 -14.41 16.31
C ILE A 365 -19.13 -14.15 14.83
N THR A 366 -18.08 -13.40 14.50
CA THR A 366 -17.85 -13.01 13.12
C THR A 366 -17.55 -14.20 12.24
N ALA A 367 -16.84 -15.20 12.77
CA ALA A 367 -16.54 -16.39 11.98
C ALA A 367 -17.80 -17.20 11.69
N LEU A 368 -18.70 -17.28 12.67
CA LEU A 368 -19.93 -18.03 12.46
C LEU A 368 -20.95 -17.24 11.64
N SER A 369 -21.10 -15.94 11.94
CA SER A 369 -22.02 -15.11 11.19
C SER A 369 -21.64 -14.99 9.71
N ASP A 370 -20.37 -15.21 9.37
CA ASP A 370 -19.92 -15.11 8.00
C ASP A 370 -19.95 -16.43 7.25
N GLU A 371 -20.15 -17.54 7.95
CA GLU A 371 -20.30 -18.85 7.31
C GLU A 371 -21.71 -19.39 7.35
N PHE A 372 -22.46 -19.08 8.40
CA PHE A 372 -23.82 -19.57 8.56
C PHE A 372 -24.78 -18.39 8.57
N PRO A 373 -25.53 -18.15 7.49
CA PRO A 373 -26.44 -17.00 7.46
C PRO A 373 -27.57 -17.12 8.48
N LYS A 374 -27.91 -18.34 8.89
CA LYS A 374 -28.83 -18.52 10.00
C LYS A 374 -28.40 -17.72 11.21
N ILE A 375 -27.11 -17.73 11.52
CA ILE A 375 -26.58 -17.07 12.71
C ILE A 375 -26.45 -15.57 12.48
N LYS A 376 -26.06 -15.16 11.26
CA LYS A 376 -25.85 -13.75 10.97
C LYS A 376 -27.12 -12.93 11.20
N ARG A 377 -28.27 -13.54 11.02
CA ARG A 377 -29.53 -12.83 11.19
C ARG A 377 -29.88 -12.73 12.65
N ASN A 378 -29.83 -13.83 13.36
CA ASN A 378 -30.20 -13.86 14.76
C ASN A 378 -29.00 -13.73 15.67
N ARG A 379 -28.29 -12.62 15.57
CA ARG A 379 -27.06 -12.48 16.33
C ARG A 379 -27.34 -12.25 17.79
N GLU A 380 -27.87 -11.09 18.12
CA GLU A 380 -28.06 -10.79 19.53
C GLU A 380 -28.77 -11.91 20.28
N LEU A 381 -29.55 -12.73 19.59
CA LEU A 381 -30.08 -13.94 20.20
C LEU A 381 -28.99 -14.99 20.36
N PHE A 382 -28.13 -15.14 19.35
CA PHE A 382 -27.12 -16.20 19.36
C PHE A 382 -26.07 -15.94 20.44
N VAL A 383 -25.63 -14.69 20.60
CA VAL A 383 -24.62 -14.40 21.61
C VAL A 383 -25.20 -14.49 23.01
N ALA A 384 -26.52 -14.39 23.15
CA ALA A 384 -27.15 -14.70 24.43
C ALA A 384 -27.03 -16.17 24.77
N GLY A 385 -27.21 -17.04 23.77
CA GLY A 385 -26.98 -18.46 24.00
C GLY A 385 -25.51 -18.77 24.23
N LEU A 386 -24.63 -18.04 23.56
CA LEU A 386 -23.19 -18.22 23.79
C LEU A 386 -22.81 -17.86 25.22
N PHE A 387 -23.19 -16.66 25.67
CA PHE A 387 -22.85 -16.22 27.01
C PHE A 387 -23.64 -16.94 28.10
N SER A 388 -24.72 -17.62 27.74
CA SER A 388 -25.43 -18.44 28.72
C SER A 388 -24.72 -19.77 28.93
N LEU A 389 -24.20 -20.36 27.85
CA LEU A 389 -23.31 -21.51 28.00
C LEU A 389 -22.06 -21.11 28.77
N TYR A 390 -21.46 -19.98 28.43
CA TYR A 390 -20.27 -19.49 29.13
C TYR A 390 -20.54 -19.37 30.63
N PHE A 391 -21.70 -18.84 31.01
CA PHE A 391 -21.99 -18.66 32.42
C PHE A 391 -22.24 -20.00 33.11
N VAL A 392 -22.96 -20.91 32.45
CA VAL A 392 -23.35 -22.16 33.09
C VAL A 392 -22.12 -23.00 33.40
N VAL A 393 -21.32 -23.32 32.37
CA VAL A 393 -20.09 -24.07 32.62
C VAL A 393 -19.10 -23.22 33.41
N GLY A 394 -19.21 -21.89 33.31
CA GLY A 394 -18.39 -21.01 34.13
C GLY A 394 -18.61 -21.20 35.62
N LEU A 395 -19.77 -21.71 36.02
CA LEU A 395 -20.04 -21.97 37.43
C LEU A 395 -19.05 -22.95 38.03
N ALA A 396 -18.38 -23.77 37.20
CA ALA A 396 -17.36 -24.67 37.72
C ALA A 396 -16.18 -23.90 38.30
N SER A 397 -15.85 -22.75 37.73
CA SER A 397 -14.76 -21.92 38.24
C SER A 397 -15.20 -21.01 39.38
N CYS A 398 -16.48 -20.99 39.73
CA CYS A 398 -16.96 -20.27 40.90
C CYS A 398 -17.18 -21.18 42.10
N THR A 399 -16.72 -22.44 42.03
CA THR A 399 -16.82 -23.34 43.17
C THR A 399 -15.55 -23.24 44.02
N GLN A 400 -15.60 -23.90 45.18
CA GLN A 400 -14.49 -23.79 46.13
C GLN A 400 -13.21 -24.36 45.55
N GLY A 401 -13.30 -25.43 44.78
CA GLY A 401 -12.15 -25.92 44.04
C GLY A 401 -12.01 -25.28 42.69
N GLY A 402 -12.66 -24.13 42.49
CA GLY A 402 -12.72 -23.52 41.17
C GLY A 402 -11.38 -23.13 40.60
N PHE A 403 -10.40 -22.90 41.47
CA PHE A 403 -9.06 -22.61 40.96
C PHE A 403 -8.43 -23.85 40.34
N TYR A 404 -8.69 -25.03 40.90
CA TYR A 404 -8.20 -26.26 40.28
C TYR A 404 -8.77 -26.42 38.88
N PHE A 405 -10.05 -26.11 38.71
CA PHE A 405 -10.66 -26.12 37.38
C PHE A 405 -10.01 -25.07 36.48
N PHE A 406 -9.71 -23.90 37.03
CA PHE A 406 -9.05 -22.85 36.26
C PHE A 406 -7.66 -23.27 35.82
N HIS A 407 -6.87 -23.81 36.75
CA HIS A 407 -5.49 -24.16 36.45
C HIS A 407 -5.38 -25.21 35.35
N LEU A 408 -6.31 -26.16 35.35
CA LEU A 408 -6.27 -27.25 34.36
C LEU A 408 -6.49 -26.70 32.95
N LEU A 409 -7.55 -25.91 32.76
CA LEU A 409 -7.81 -25.32 31.46
C LEU A 409 -6.68 -24.38 31.03
N ASP A 410 -6.01 -23.75 32.00
CA ASP A 410 -5.00 -22.75 31.67
C ASP A 410 -3.78 -23.36 31.02
N ARG A 411 -3.45 -24.61 31.33
CA ARG A 411 -2.26 -25.25 30.81
C ARG A 411 -2.56 -26.32 29.76
N TYR A 412 -3.77 -26.33 29.20
CA TYR A 412 -4.13 -27.33 28.21
C TYR A 412 -5.00 -26.70 27.12
N ALA A 413 -6.11 -26.06 27.53
CA ALA A 413 -7.23 -25.80 26.64
C ALA A 413 -6.82 -25.08 25.37
N ALA A 414 -5.89 -24.12 25.46
CA ALA A 414 -5.57 -23.26 24.34
C ALA A 414 -4.09 -23.05 24.07
N GLY A 415 -3.21 -23.28 25.04
CA GLY A 415 -1.79 -22.99 24.89
C GLY A 415 -1.11 -23.69 23.74
N TYR A 416 -1.12 -25.03 23.77
CA TYR A 416 -0.46 -25.79 22.70
C TYR A 416 -1.26 -25.76 21.41
N SER A 417 -2.60 -25.67 21.50
CA SER A 417 -3.42 -25.71 20.31
C SER A 417 -3.19 -24.49 19.42
N ILE A 418 -3.12 -23.30 20.03
CA ILE A 418 -3.00 -22.08 19.23
C ILE A 418 -1.62 -22.00 18.57
N LEU A 419 -0.58 -22.55 19.19
CA LEU A 419 0.73 -22.56 18.56
C LEU A 419 0.73 -23.42 17.31
N VAL A 420 -0.01 -24.54 17.34
CA VAL A 420 -0.10 -25.41 16.17
C VAL A 420 -0.92 -24.75 15.08
N ALA A 421 -2.06 -24.17 15.46
CA ALA A 421 -2.93 -23.52 14.48
C ALA A 421 -2.20 -22.41 13.74
N VAL A 422 -1.53 -21.53 14.48
CA VAL A 422 -0.84 -20.41 13.83
C VAL A 422 0.37 -20.91 13.04
N PHE A 423 0.98 -22.03 13.46
CA PHE A 423 2.05 -22.59 12.66
C PHE A 423 1.55 -22.99 11.26
N PHE A 424 0.37 -23.62 11.20
CA PHE A 424 -0.23 -23.92 9.91
C PHE A 424 -0.71 -22.66 9.21
N GLU A 425 -1.11 -21.64 9.98
CA GLU A 425 -1.51 -20.37 9.38
C GLU A 425 -0.35 -19.74 8.62
N ALA A 426 0.86 -19.80 9.19
CA ALA A 426 2.02 -19.23 8.52
C ALA A 426 2.30 -19.95 7.21
N ILE A 427 2.24 -21.28 7.21
CA ILE A 427 2.57 -22.04 6.01
C ILE A 427 1.49 -21.88 4.94
N ALA A 428 0.24 -21.68 5.36
CA ALA A 428 -0.84 -21.50 4.39
C ALA A 428 -0.63 -20.24 3.56
N VAL A 429 -0.40 -19.11 4.22
CA VAL A 429 -0.34 -17.84 3.50
C VAL A 429 0.99 -17.68 2.76
N SER A 430 2.08 -18.24 3.29
CA SER A 430 3.40 -17.97 2.73
C SER A 430 3.85 -19.02 1.73
N TRP A 431 3.43 -20.28 1.91
CA TRP A 431 3.96 -21.36 1.08
C TRP A 431 2.93 -22.02 0.19
N ILE A 432 1.65 -21.94 0.49
CA ILE A 432 0.64 -22.50 -0.40
C ILE A 432 -0.08 -21.38 -1.12
N TYR A 433 -0.71 -20.48 -0.34
CA TYR A 433 -1.25 -19.25 -0.94
C TYR A 433 -0.15 -18.41 -1.55
N GLY A 434 1.06 -18.48 -0.98
CA GLY A 434 2.21 -17.80 -1.55
C GLY A 434 2.38 -16.38 -1.09
N THR A 435 3.61 -16.01 -0.70
CA THR A 435 3.90 -14.62 -0.42
C THR A 435 3.63 -13.73 -1.63
N ASN A 436 3.79 -14.30 -2.83
CA ASN A 436 3.49 -13.55 -4.06
C ASN A 436 2.04 -13.05 -4.04
N ARG A 437 1.09 -13.97 -3.93
CA ARG A 437 -0.32 -13.58 -3.92
C ARG A 437 -0.62 -12.68 -2.74
N PHE A 438 -0.01 -12.95 -1.58
CA PHE A 438 -0.27 -12.14 -0.40
C PHE A 438 0.28 -10.72 -0.55
N SER A 439 1.55 -10.60 -0.91
CA SER A 439 2.15 -9.28 -1.10
C SER A 439 1.43 -8.49 -2.19
N GLU A 440 0.95 -9.18 -3.22
CA GLU A 440 0.19 -8.50 -4.27
C GLU A 440 -1.15 -8.02 -3.74
N ASP A 441 -1.77 -8.80 -2.84
CA ASP A 441 -3.00 -8.37 -2.18
C ASP A 441 -2.75 -7.08 -1.38
N ILE A 442 -1.68 -7.05 -0.60
CA ILE A 442 -1.38 -5.87 0.21
C ILE A 442 -1.14 -4.65 -0.69
N ARG A 443 -0.46 -4.86 -1.82
CA ARG A 443 -0.24 -3.74 -2.74
C ARG A 443 -1.55 -3.17 -3.24
N ASP A 444 -2.53 -4.02 -3.55
CA ASP A 444 -3.80 -3.52 -4.04
C ASP A 444 -4.52 -2.67 -3.00
N MET A 445 -4.37 -3.01 -1.72
CA MET A 445 -5.02 -2.23 -0.66
C MET A 445 -4.29 -0.93 -0.40
N ILE A 446 -3.04 -1.00 0.07
CA ILE A 446 -2.35 0.17 0.60
C ILE A 446 -1.48 0.87 -0.43
N GLY A 447 -1.37 0.33 -1.64
CA GLY A 447 -0.68 0.99 -2.73
C GLY A 447 0.74 0.52 -2.98
N PHE A 448 1.35 -0.16 -2.01
CA PHE A 448 2.72 -0.64 -2.18
C PHE A 448 2.83 -2.05 -1.64
N PRO A 449 3.72 -2.87 -2.20
CA PRO A 449 3.92 -4.21 -1.67
C PRO A 449 4.71 -4.13 -0.36
N PRO A 450 4.50 -5.09 0.54
CA PRO A 450 5.37 -5.15 1.73
C PRO A 450 6.79 -5.46 1.33
N GLY A 451 7.74 -4.79 1.98
CA GLY A 451 9.14 -5.01 1.70
C GLY A 451 9.54 -6.47 1.90
N ARG A 452 10.71 -6.80 1.36
CA ARG A 452 11.18 -8.18 1.44
C ARG A 452 11.45 -8.61 2.87
N TYR A 453 11.73 -7.67 3.77
CA TYR A 453 11.87 -7.99 5.19
C TYR A 453 10.62 -8.71 5.70
N TRP A 454 9.45 -8.09 5.51
CA TRP A 454 8.20 -8.72 5.90
C TRP A 454 8.00 -10.05 5.19
N GLN A 455 8.50 -10.17 3.96
CA GLN A 455 8.30 -11.40 3.21
C GLN A 455 9.19 -12.52 3.74
N VAL A 456 10.47 -12.22 4.03
CA VAL A 456 11.35 -13.23 4.60
C VAL A 456 10.86 -13.63 5.99
N CYS A 457 10.30 -12.68 6.74
CA CYS A 457 9.82 -12.99 8.08
C CYS A 457 8.58 -13.87 8.03
N TRP A 458 7.68 -13.64 7.07
CA TRP A 458 6.50 -14.46 6.95
C TRP A 458 6.82 -15.87 6.48
N ARG A 459 7.85 -16.00 5.64
CA ARG A 459 8.14 -17.27 4.98
C ARG A 459 9.13 -18.13 5.76
N PHE A 460 10.11 -17.52 6.42
CA PHE A 460 11.19 -18.26 7.06
C PHE A 460 11.25 -18.06 8.56
N VAL A 461 11.22 -16.81 9.03
CA VAL A 461 11.44 -16.56 10.45
C VAL A 461 10.25 -17.01 11.28
N ALA A 462 9.02 -16.83 10.77
CA ALA A 462 7.85 -17.09 11.61
C ALA A 462 7.66 -18.58 11.88
N PRO A 463 7.80 -19.50 10.92
CA PRO A 463 7.76 -20.93 11.31
C PRO A 463 8.80 -21.30 12.35
N ILE A 464 10.05 -20.88 12.16
CA ILE A 464 11.10 -21.15 13.15
C ILE A 464 10.75 -20.50 14.48
N PHE A 465 10.23 -19.26 14.42
CA PHE A 465 9.74 -18.56 15.61
C PHE A 465 8.78 -19.43 16.41
N LEU A 466 7.71 -19.90 15.76
CA LEU A 466 6.69 -20.66 16.45
C LEU A 466 7.20 -22.00 16.95
N LEU A 467 8.16 -22.61 16.23
CA LEU A 467 8.75 -23.85 16.70
C LEU A 467 9.65 -23.61 17.90
N PHE A 468 10.46 -22.55 17.85
CA PHE A 468 11.30 -22.17 18.98
C PHE A 468 10.48 -22.06 20.26
N ILE A 469 9.32 -21.41 20.17
CA ILE A 469 8.45 -21.25 21.33
C ILE A 469 7.90 -22.59 21.77
N THR A 470 7.44 -23.40 20.82
CA THR A 470 6.79 -24.66 21.15
C THR A 470 7.78 -25.66 21.73
N VAL A 471 8.98 -25.75 21.15
CA VAL A 471 9.98 -26.67 21.66
C VAL A 471 10.31 -26.36 23.11
N TYR A 472 10.64 -25.10 23.40
CA TYR A 472 10.93 -24.65 24.76
CA TYR A 472 10.96 -24.74 24.77
C TYR A 472 9.73 -24.79 25.69
N LEU A 473 8.53 -24.82 25.13
CA LEU A 473 7.34 -25.01 25.95
C LEU A 473 7.10 -26.47 26.26
N LEU A 474 7.58 -27.38 25.41
CA LEU A 474 7.48 -28.80 25.67
C LEU A 474 8.61 -29.30 26.55
N ILE A 475 9.81 -28.73 26.40
CA ILE A 475 10.93 -29.05 27.27
C ILE A 475 10.54 -28.81 28.73
N GLY A 476 9.74 -27.78 28.98
CA GLY A 476 9.30 -27.44 30.31
C GLY A 476 8.03 -28.12 30.77
N TYR A 477 7.46 -29.02 29.98
CA TYR A 477 6.25 -29.71 30.41
C TYR A 477 6.55 -30.68 31.54
N GLU A 478 5.65 -30.72 32.52
CA GLU A 478 5.62 -31.73 33.57
C GLU A 478 4.16 -31.97 33.91
N PRO A 479 3.81 -33.16 34.39
CA PRO A 479 2.41 -33.40 34.79
C PRO A 479 1.93 -32.37 35.80
N LEU A 480 0.62 -32.12 35.79
CA LEU A 480 0.08 -30.90 36.38
C LEU A 480 0.19 -30.91 37.90
N THR A 481 0.58 -29.76 38.43
CA THR A 481 0.85 -29.57 39.86
C THR A 481 0.45 -28.17 40.26
N TYR A 482 -0.29 -28.04 41.36
CA TYR A 482 -0.50 -26.75 41.99
C TYR A 482 -0.26 -26.88 43.48
N ALA A 483 0.74 -26.16 43.99
CA ALA A 483 1.16 -26.21 45.40
C ALA A 483 1.47 -27.66 45.73
N ASP A 484 1.02 -28.19 46.87
CA ASP A 484 1.33 -29.56 47.25
C ASP A 484 0.50 -30.58 46.47
N TYR A 485 -0.53 -30.13 45.75
CA TYR A 485 -1.49 -31.01 45.11
C TYR A 485 -0.97 -31.46 43.75
N VAL A 486 -1.12 -32.74 43.46
CA VAL A 486 -0.78 -33.30 42.15
C VAL A 486 -2.06 -33.85 41.53
N TYR A 487 -2.27 -33.53 40.26
CA TYR A 487 -3.51 -33.92 39.59
C TYR A 487 -3.49 -35.41 39.28
N PRO A 488 -4.65 -36.07 39.33
CA PRO A 488 -4.71 -37.49 38.95
C PRO A 488 -4.32 -37.67 37.49
N SER A 489 -3.95 -38.91 37.15
CA SER A 489 -3.49 -39.19 35.79
C SER A 489 -4.61 -39.01 34.77
N TRP A 490 -5.86 -39.22 35.17
CA TRP A 490 -6.97 -39.03 34.23
C TRP A 490 -7.17 -37.55 33.91
N ALA A 491 -6.97 -36.67 34.89
CA ALA A 491 -7.14 -35.24 34.65
C ALA A 491 -6.10 -34.70 33.67
N ASN A 492 -4.89 -35.25 33.69
CA ASN A 492 -3.89 -34.86 32.71
C ASN A 492 -4.30 -35.28 31.30
N ALA A 493 -4.81 -36.50 31.16
CA ALA A 493 -5.22 -36.98 29.84
C ALA A 493 -6.38 -36.15 29.29
N LEU A 494 -7.39 -35.87 30.14
CA LEU A 494 -8.52 -35.08 29.70
C LEU A 494 -8.08 -33.70 29.21
N GLY A 495 -7.00 -33.15 29.77
CA GLY A 495 -6.49 -31.89 29.27
C GLY A 495 -5.95 -31.98 27.86
N TRP A 496 -5.36 -33.14 27.51
CA TRP A 496 -4.84 -33.30 26.15
C TRP A 496 -5.96 -33.41 25.13
N CYS A 497 -7.10 -34.01 25.52
CA CYS A 497 -8.24 -34.09 24.61
C CYS A 497 -8.75 -32.69 24.26
N ILE A 498 -8.83 -31.81 25.26
CA ILE A 498 -9.22 -30.42 25.01
C ILE A 498 -8.22 -29.76 24.08
N ALA A 499 -6.93 -30.02 24.28
CA ALA A 499 -5.91 -29.47 23.40
C ALA A 499 -6.01 -30.03 22.00
N GLY A 500 -6.43 -31.30 21.87
CA GLY A 500 -6.53 -31.94 20.58
C GLY A 500 -7.84 -31.68 19.86
N SER A 501 -8.91 -31.39 20.61
CA SER A 501 -10.23 -31.23 19.98
C SER A 501 -10.22 -30.13 18.92
N SER A 502 -9.45 -29.06 19.16
CA SER A 502 -9.33 -28.00 18.15
C SER A 502 -8.38 -28.42 17.04
N VAL A 503 -7.12 -28.72 17.40
CA VAL A 503 -6.09 -29.02 16.42
C VAL A 503 -6.48 -30.18 15.51
N VAL A 504 -7.22 -31.16 16.03
CA VAL A 504 -7.58 -32.33 15.25
C VAL A 504 -8.39 -31.96 14.00
N MET A 505 -9.00 -30.78 13.98
CA MET A 505 -9.82 -30.40 12.83
C MET A 505 -9.01 -29.78 11.70
N ILE A 506 -7.70 -29.62 11.85
CA ILE A 506 -6.88 -29.29 10.70
C ILE A 506 -6.89 -30.51 9.78
N PRO A 507 -6.45 -31.70 10.22
CA PRO A 507 -6.49 -32.85 9.29
C PRO A 507 -7.89 -33.43 9.11
N ALA A 508 -8.76 -33.33 10.12
CA ALA A 508 -10.11 -33.86 9.99
C ALA A 508 -10.87 -33.15 8.87
N VAL A 509 -10.88 -31.82 8.91
CA VAL A 509 -11.50 -31.07 7.82
C VAL A 509 -10.73 -31.27 6.53
N ALA A 510 -9.40 -31.43 6.62
CA ALA A 510 -8.60 -31.69 5.43
C ALA A 510 -9.04 -32.97 4.74
N ILE A 511 -8.93 -34.10 5.43
CA ILE A 511 -9.25 -35.38 4.79
C ILE A 511 -10.71 -35.45 4.40
N PHE A 512 -11.60 -34.81 5.16
CA PHE A 512 -13.00 -34.76 4.75
C PHE A 512 -13.13 -33.95 3.47
N LYS A 513 -12.74 -32.67 3.51
CA LYS A 513 -12.86 -31.83 2.32
C LYS A 513 -12.05 -32.38 1.16
N LEU A 514 -10.97 -33.12 1.45
CA LEU A 514 -10.21 -33.78 0.39
C LEU A 514 -11.03 -34.90 -0.24
N LEU A 515 -11.55 -35.81 0.59
CA LEU A 515 -12.23 -36.99 0.07
C LEU A 515 -13.51 -36.62 -0.67
N SER A 516 -14.19 -35.55 -0.27
CA SER A 516 -15.47 -35.17 -0.84
C SER A 516 -15.34 -34.28 -2.06
N THR A 517 -14.12 -34.06 -2.57
CA THR A 517 -13.98 -33.26 -3.78
C THR A 517 -13.60 -34.15 -4.96
N PRO A 518 -14.23 -33.97 -6.12
CA PRO A 518 -14.06 -34.93 -7.21
C PRO A 518 -12.76 -34.77 -7.96
N GLY A 519 -12.32 -35.88 -8.56
CA GLY A 519 -11.17 -35.91 -9.43
C GLY A 519 -10.16 -36.95 -8.98
N SER A 520 -8.97 -36.92 -9.62
CA SER A 520 -7.86 -37.77 -9.24
C SER A 520 -7.09 -37.04 -8.14
N LEU A 521 -5.97 -37.61 -7.69
CA LEU A 521 -5.34 -37.09 -6.47
C LEU A 521 -4.81 -35.68 -6.69
N ARG A 522 -3.90 -35.52 -7.65
CA ARG A 522 -3.39 -34.19 -7.99
C ARG A 522 -4.53 -33.21 -8.26
N GLN A 523 -5.54 -33.66 -9.01
CA GLN A 523 -6.72 -32.84 -9.25
C GLN A 523 -7.34 -32.36 -7.94
N ARG A 524 -7.44 -33.25 -6.96
CA ARG A 524 -8.04 -32.88 -5.67
C ARG A 524 -7.17 -31.88 -4.94
N PHE A 525 -5.85 -32.05 -4.97
CA PHE A 525 -4.97 -31.12 -4.28
C PHE A 525 -5.02 -29.72 -4.90
N THR A 526 -4.81 -29.64 -6.22
CA THR A 526 -4.86 -28.33 -6.87
C THR A 526 -6.22 -27.67 -6.71
N ILE A 527 -7.30 -28.45 -6.69
CA ILE A 527 -8.62 -27.88 -6.43
C ILE A 527 -8.65 -27.24 -5.04
N LEU A 528 -8.10 -27.92 -4.05
CA LEU A 528 -8.11 -27.44 -2.67
C LEU A 528 -6.89 -26.63 -2.30
N THR A 529 -6.05 -26.27 -3.27
CA THR A 529 -5.00 -25.29 -3.06
C THR A 529 -5.10 -24.11 -4.02
N THR A 530 -6.13 -24.06 -4.86
CA THR A 530 -6.44 -22.85 -5.62
C THR A 530 -7.34 -21.96 -4.79
N PRO A 531 -6.94 -20.73 -4.49
CA PRO A 531 -7.74 -19.87 -3.61
C PRO A 531 -9.08 -19.53 -4.22
N TRP A 532 -9.93 -18.93 -3.39
CA TRP A 532 -11.27 -18.55 -3.83
C TRP A 532 -11.20 -17.37 -4.82
N ARG A 533 -10.34 -16.39 -4.55
CA ARG A 533 -10.23 -15.24 -5.45
C ARG A 533 -9.78 -15.66 -6.84
N ASP A 534 -8.81 -16.58 -6.93
CA ASP A 534 -8.31 -17.02 -8.23
C ASP A 534 -9.33 -17.77 -9.05
N GLN A 535 -10.50 -18.08 -8.48
CA GLN A 535 -11.57 -18.77 -9.19
C GLN A 535 -12.75 -17.87 -9.51
N GLN A 536 -12.72 -16.61 -9.07
CA GLN A 536 -13.85 -15.69 -9.27
C GLN A 536 -13.55 -14.69 -10.38
N GLU B 1 -14.47 10.90 -12.38
CA GLU B 1 -13.09 11.02 -12.81
C GLU B 1 -12.45 12.32 -12.30
N ASN B 2 -11.27 12.20 -11.70
CA ASN B 2 -10.57 13.33 -11.12
C ASN B 2 -9.81 14.07 -12.20
N VAL B 3 -10.25 15.29 -12.54
CA VAL B 3 -9.71 16.03 -13.67
C VAL B 3 -8.63 16.97 -13.14
N LEU B 4 -7.39 16.76 -13.56
CA LEU B 4 -6.27 17.63 -13.23
C LEU B 4 -5.99 18.54 -14.41
N THR B 5 -6.03 19.86 -14.17
CA THR B 5 -5.71 20.85 -15.19
C THR B 5 -4.57 21.73 -14.69
N GLN B 6 -3.65 22.06 -15.59
CA GLN B 6 -2.44 22.79 -15.25
C GLN B 6 -2.43 24.16 -15.93
N SER B 7 -1.69 25.09 -15.33
CA SER B 7 -1.52 26.42 -15.87
C SER B 7 -0.13 26.92 -15.50
N PRO B 8 0.51 27.72 -16.37
CA PRO B 8 0.04 28.12 -17.71
C PRO B 8 0.14 26.95 -18.70
N ALA B 9 -0.50 27.03 -19.86
CA ALA B 9 -0.40 25.94 -20.83
C ALA B 9 0.93 25.99 -21.59
N ILE B 10 1.27 27.16 -22.14
CA ILE B 10 2.59 27.41 -22.69
C ILE B 10 3.20 28.54 -21.87
N MET B 11 4.53 28.52 -21.77
CA MET B 11 5.21 29.38 -20.82
C MET B 11 6.65 29.58 -21.26
N SER B 12 7.06 30.84 -21.42
CA SER B 12 8.40 31.19 -21.86
C SER B 12 9.12 31.94 -20.76
N THR B 13 10.29 31.44 -20.36
CA THR B 13 11.17 32.13 -19.44
C THR B 13 12.60 32.04 -19.95
N SER B 14 13.38 33.09 -19.69
CA SER B 14 14.78 33.08 -20.08
C SER B 14 15.61 32.33 -19.04
N PRO B 15 16.73 31.71 -19.47
CA PRO B 15 17.52 30.89 -18.55
C PRO B 15 17.99 31.69 -17.34
N GLY B 16 17.90 31.06 -16.17
CA GLY B 16 18.29 31.69 -14.92
C GLY B 16 17.12 32.00 -14.03
N GLU B 17 15.98 32.36 -14.63
CA GLU B 17 14.83 32.84 -13.87
C GLU B 17 14.15 31.70 -13.13
N LYS B 18 13.36 32.07 -12.12
CA LYS B 18 12.52 31.11 -11.43
C LYS B 18 11.31 30.76 -12.29
N VAL B 19 10.88 29.50 -12.22
CA VAL B 19 9.74 29.02 -13.00
C VAL B 19 8.80 28.29 -12.05
N THR B 20 7.56 28.77 -11.96
CA THR B 20 6.53 28.13 -11.14
C THR B 20 5.33 27.79 -12.00
N MET B 21 4.79 26.59 -11.80
CA MET B 21 3.66 26.07 -12.56
C MET B 21 2.80 25.23 -11.63
N THR B 22 1.48 25.25 -11.85
CA THR B 22 0.53 24.70 -10.90
C THR B 22 -0.30 23.59 -11.51
N CYS B 23 -0.84 22.73 -10.65
CA CYS B 23 -1.68 21.60 -11.08
C CYS B 23 -2.87 21.52 -10.14
N ARG B 24 -4.07 21.75 -10.66
CA ARG B 24 -5.25 21.76 -9.81
C ARG B 24 -6.16 20.59 -10.05
N ALA B 25 -6.70 20.01 -8.98
CA ALA B 25 -7.52 18.81 -9.11
C ALA B 25 -8.98 19.13 -8.88
N SER B 26 -9.86 18.54 -9.71
CA SER B 26 -11.29 18.71 -9.51
C SER B 26 -11.73 18.11 -8.19
N SER B 27 -10.95 17.19 -7.63
CA SER B 27 -11.24 16.55 -6.36
C SER B 27 -9.93 16.25 -5.67
N SER B 28 -9.94 16.29 -4.33
CA SER B 28 -8.70 16.31 -3.57
C SER B 28 -7.90 15.02 -3.78
N VAL B 29 -6.57 15.17 -3.71
CA VAL B 29 -5.63 14.07 -3.85
C VAL B 29 -4.72 14.06 -2.64
N GLY B 30 -4.45 12.86 -2.12
CA GLY B 30 -3.52 12.74 -1.01
C GLY B 30 -2.09 13.01 -1.46
N SER B 31 -1.32 13.64 -0.57
CA SER B 31 0.04 14.05 -0.91
C SER B 31 0.91 12.86 -1.33
N SER B 32 0.62 11.66 -0.82
CA SER B 32 1.43 10.50 -1.15
C SER B 32 1.29 10.08 -2.60
N TYR B 33 0.29 10.60 -3.31
CA TYR B 33 -0.13 10.03 -4.59
C TYR B 33 0.00 10.96 -5.78
N LEU B 34 0.54 12.17 -5.61
CA LEU B 34 0.68 13.10 -6.73
C LEU B 34 2.11 13.10 -7.23
N HIS B 35 2.29 12.92 -8.53
CA HIS B 35 3.60 12.84 -9.14
C HIS B 35 3.70 13.81 -10.31
N TRP B 36 4.92 13.97 -10.81
CA TRP B 36 5.21 14.86 -11.93
C TRP B 36 6.09 14.14 -12.94
N TYR B 37 5.86 14.40 -14.22
CA TYR B 37 6.61 13.78 -15.30
C TYR B 37 7.11 14.84 -16.27
N GLN B 38 8.34 14.67 -16.73
CA GLN B 38 8.91 15.51 -17.78
C GLN B 38 8.97 14.72 -19.07
N GLN B 39 8.55 15.34 -20.17
CA GLN B 39 8.58 14.72 -21.50
C GLN B 39 9.20 15.71 -22.47
N LYS B 40 10.40 15.43 -22.94
CA LYS B 40 11.02 16.25 -23.96
C LYS B 40 10.51 15.86 -25.34
N SER B 41 10.56 16.83 -26.25
CA SER B 41 9.92 16.68 -27.56
C SER B 41 10.46 15.46 -28.31
N GLY B 42 9.54 14.59 -28.73
CA GLY B 42 9.92 13.41 -29.47
C GLY B 42 10.44 12.25 -28.63
N ALA B 43 10.37 12.35 -27.31
CA ALA B 43 10.83 11.30 -26.42
C ALA B 43 9.71 10.87 -25.48
N SER B 44 9.97 9.82 -24.72
CA SER B 44 8.99 9.31 -23.78
C SER B 44 9.00 10.15 -22.50
N PRO B 45 7.93 10.08 -21.71
CA PRO B 45 7.96 10.71 -20.39
C PRO B 45 8.99 10.06 -19.49
N LYS B 46 9.54 10.86 -18.58
CA LYS B 46 10.42 10.38 -17.52
C LYS B 46 9.83 10.80 -16.18
N LEU B 47 9.75 9.86 -15.25
CA LEU B 47 9.32 10.21 -13.90
C LEU B 47 10.24 11.27 -13.34
N TRP B 48 9.66 12.35 -12.83
CA TRP B 48 10.42 13.50 -12.40
C TRP B 48 10.29 13.78 -10.91
N ILE B 49 9.07 13.88 -10.40
CA ILE B 49 8.82 14.09 -8.98
C ILE B 49 7.71 13.13 -8.56
N TYR B 50 7.90 12.46 -7.43
CA TYR B 50 6.91 11.54 -6.91
C TYR B 50 6.56 11.91 -5.48
N SER B 51 5.30 11.66 -5.11
CA SER B 51 4.79 11.94 -3.77
C SER B 51 4.98 13.43 -3.43
N THR B 52 4.55 14.28 -4.35
CA THR B 52 4.51 15.74 -4.22
C THR B 52 5.88 16.40 -4.36
N SER B 53 6.90 15.93 -3.63
CA SER B 53 8.13 16.72 -3.51
C SER B 53 9.41 16.00 -3.92
N ASN B 54 9.40 14.67 -4.06
CA ASN B 54 10.60 13.84 -4.07
C ASN B 54 11.12 13.69 -5.49
N LEU B 55 12.34 14.17 -5.72
CA LEU B 55 12.95 14.10 -7.04
C LEU B 55 13.33 12.66 -7.37
N ALA B 56 13.20 12.30 -8.65
CA ALA B 56 13.49 10.96 -9.12
C ALA B 56 14.97 10.82 -9.44
N SER B 57 15.37 9.61 -9.82
CA SER B 57 16.78 9.30 -10.08
C SER B 57 17.29 10.12 -11.26
N GLY B 58 18.32 10.93 -10.99
CA GLY B 58 18.94 11.74 -12.01
C GLY B 58 18.37 13.14 -12.16
N VAL B 59 17.32 13.47 -11.42
CA VAL B 59 16.68 14.77 -11.51
C VAL B 59 17.53 15.79 -10.77
N PRO B 60 17.96 16.87 -11.42
CA PRO B 60 18.82 17.84 -10.76
C PRO B 60 18.09 18.59 -9.65
N ALA B 61 18.89 19.13 -8.72
CA ALA B 61 18.35 19.66 -7.48
C ALA B 61 17.64 20.99 -7.64
N ARG B 62 17.75 21.65 -8.80
CA ARG B 62 17.01 22.90 -9.00
C ARG B 62 15.51 22.68 -9.04
N PHE B 63 15.06 21.44 -9.22
CA PHE B 63 13.65 21.13 -9.25
C PHE B 63 13.12 20.93 -7.83
N SER B 64 11.84 21.23 -7.64
CA SER B 64 11.18 21.05 -6.35
C SER B 64 9.68 21.03 -6.55
N GLY B 65 8.99 20.47 -5.57
CA GLY B 65 7.54 20.37 -5.63
C GLY B 65 6.92 20.65 -4.28
N SER B 66 5.73 21.24 -4.31
CA SER B 66 5.01 21.57 -3.09
C SER B 66 3.52 21.58 -3.37
N GLY B 67 2.73 21.35 -2.34
CA GLY B 67 1.29 21.41 -2.46
C GLY B 67 0.62 20.40 -1.58
N SER B 68 -0.72 20.42 -1.62
CA SER B 68 -1.56 19.51 -0.86
C SER B 68 -3.00 19.72 -1.31
N GLY B 69 -3.87 18.79 -0.91
CA GLY B 69 -5.29 18.91 -1.20
C GLY B 69 -5.62 18.90 -2.67
N THR B 70 -5.92 20.08 -3.23
CA THR B 70 -6.25 20.22 -4.64
C THR B 70 -5.32 21.19 -5.36
N SER B 71 -4.24 21.63 -4.72
CA SER B 71 -3.35 22.65 -5.28
C SER B 71 -1.90 22.20 -5.10
N TYR B 72 -1.24 21.90 -6.20
CA TYR B 72 0.16 21.50 -6.20
C TYR B 72 0.92 22.32 -7.24
N SER B 73 2.25 22.29 -7.15
CA SER B 73 3.06 23.12 -8.03
C SER B 73 4.46 22.54 -8.18
N LEU B 74 5.02 22.72 -9.38
CA LEU B 74 6.41 22.42 -9.68
C LEU B 74 7.19 23.72 -9.83
N THR B 75 8.42 23.74 -9.32
CA THR B 75 9.23 24.95 -9.34
C THR B 75 10.65 24.62 -9.75
N ILE B 76 11.17 25.33 -10.75
CA ILE B 76 12.57 25.28 -11.13
C ILE B 76 13.23 26.53 -10.56
N SER B 77 14.25 26.34 -9.72
CA SER B 77 14.89 27.46 -9.04
C SER B 77 15.53 28.41 -10.04
N SER B 78 16.53 27.92 -10.79
CA SER B 78 17.12 28.68 -11.89
C SER B 78 17.09 27.78 -13.13
N VAL B 79 16.28 28.17 -14.11
CA VAL B 79 16.08 27.32 -15.28
C VAL B 79 17.22 27.19 -16.25
N GLU B 80 17.23 26.09 -16.98
CA GLU B 80 18.25 25.87 -17.96
C GLU B 80 17.62 25.44 -19.28
N ALA B 81 18.36 25.53 -20.36
CA ALA B 81 17.88 25.13 -21.68
C ALA B 81 17.49 23.65 -21.68
N GLU B 82 18.27 22.81 -21.00
CA GLU B 82 17.98 21.37 -20.92
CA GLU B 82 17.94 21.39 -20.99
C GLU B 82 16.65 21.09 -20.23
N ASP B 83 16.09 22.08 -19.54
CA ASP B 83 14.81 21.94 -18.84
C ASP B 83 13.63 22.26 -19.74
N ALA B 84 13.87 22.77 -20.95
CA ALA B 84 12.77 23.00 -21.88
C ALA B 84 12.10 21.68 -22.23
N ALA B 85 10.83 21.55 -21.88
CA ALA B 85 10.07 20.31 -22.06
C ALA B 85 8.61 20.60 -21.77
N THR B 86 7.81 19.54 -21.64
CA THR B 86 6.43 19.64 -21.20
C THR B 86 6.28 18.79 -19.95
N TYR B 87 5.69 19.38 -18.92
CA TYR B 87 5.59 18.74 -17.61
C TYR B 87 4.14 18.36 -17.34
N TYR B 88 3.92 17.08 -17.01
CA TYR B 88 2.60 16.55 -16.70
C TYR B 88 2.55 16.13 -15.24
N CYS B 89 1.50 16.53 -14.54
CA CYS B 89 1.21 15.99 -13.22
C CYS B 89 0.25 14.81 -13.36
N GLN B 90 0.22 13.98 -12.31
CA GLN B 90 -0.57 12.76 -12.36
C GLN B 90 -0.94 12.36 -10.94
N GLN B 91 -2.20 11.98 -10.75
CA GLN B 91 -2.68 11.46 -9.48
C GLN B 91 -2.76 9.94 -9.53
N PHE B 92 -2.38 9.30 -8.43
CA PHE B 92 -2.32 7.84 -8.34
C PHE B 92 -3.15 7.32 -7.17
N SER B 93 -4.13 8.11 -6.70
CA SER B 93 -4.95 7.71 -5.57
C SER B 93 -6.30 7.15 -5.96
N GLY B 94 -6.74 7.37 -7.19
CA GLY B 94 -8.05 6.92 -7.61
C GLY B 94 -8.12 6.48 -9.06
N TYR B 95 -8.77 5.34 -9.30
CA TYR B 95 -9.00 4.90 -10.66
C TYR B 95 -10.28 5.53 -11.20
N PRO B 96 -10.29 6.06 -12.43
CA PRO B 96 -9.20 6.05 -13.43
C PRO B 96 -8.06 6.99 -13.10
N LEU B 97 -6.82 6.53 -13.24
CA LEU B 97 -5.67 7.42 -13.10
C LEU B 97 -5.72 8.49 -14.18
N THR B 98 -5.39 9.72 -13.79
CA THR B 98 -5.52 10.85 -14.68
C THR B 98 -4.21 11.64 -14.71
N PHE B 99 -3.85 12.12 -15.89
CA PHE B 99 -2.73 13.03 -16.07
C PHE B 99 -3.23 14.45 -16.26
N GLY B 100 -2.36 15.41 -15.96
CA GLY B 100 -2.73 16.80 -16.05
C GLY B 100 -2.71 17.33 -17.48
N SER B 101 -3.30 18.53 -17.64
CA SER B 101 -3.34 19.19 -18.94
C SER B 101 -1.95 19.41 -19.51
N GLY B 102 -0.95 19.63 -18.65
CA GLY B 102 0.41 19.82 -19.10
C GLY B 102 0.79 21.28 -19.19
N THR B 103 2.09 21.53 -19.09
CA THR B 103 2.66 22.87 -19.21
C THR B 103 3.91 22.80 -20.07
N LYS B 104 3.90 23.45 -21.23
CA LYS B 104 5.06 23.50 -22.09
C LYS B 104 6.00 24.62 -21.63
N LEU B 105 7.22 24.26 -21.28
CA LEU B 105 8.24 25.22 -20.88
C LEU B 105 9.14 25.50 -22.07
N GLU B 106 9.18 26.75 -22.50
CA GLU B 106 9.96 27.15 -23.66
C GLU B 106 10.90 28.29 -23.25
N MET B 107 11.97 28.44 -24.01
CA MET B 107 13.02 29.40 -23.67
C MET B 107 12.74 30.77 -24.25
N LYS B 108 12.97 31.80 -23.44
CA LYS B 108 12.91 33.16 -23.96
C LYS B 108 14.23 33.52 -24.64
N ARG B 109 14.13 34.43 -25.60
CA ARG B 109 15.25 34.73 -26.49
C ARG B 109 15.01 36.11 -27.08
N ALA B 110 16.08 36.71 -27.59
CA ALA B 110 15.95 37.98 -28.28
C ALA B 110 15.04 37.84 -29.49
N ASP B 111 14.38 38.93 -29.84
CA ASP B 111 13.56 38.94 -31.05
C ASP B 111 14.44 38.71 -32.27
N ALA B 112 13.84 38.16 -33.32
CA ALA B 112 14.58 37.79 -34.52
C ALA B 112 13.64 37.70 -35.71
N ALA B 113 13.98 38.39 -36.79
CA ALA B 113 13.14 38.42 -37.99
C ALA B 113 13.37 37.17 -38.82
N PRO B 114 12.34 36.67 -39.50
CA PRO B 114 12.48 35.45 -40.28
C PRO B 114 13.24 35.66 -41.58
N THR B 115 13.73 34.54 -42.12
CA THR B 115 14.37 34.50 -43.43
C THR B 115 13.43 33.75 -44.37
N VAL B 116 12.83 34.49 -45.30
CA VAL B 116 11.76 33.98 -46.14
C VAL B 116 12.30 33.60 -47.51
N SER B 117 12.02 32.36 -47.93
CA SER B 117 12.39 31.86 -49.24
C SER B 117 11.14 31.36 -49.95
N ILE B 118 10.97 31.75 -51.22
CA ILE B 118 9.82 31.38 -52.02
C ILE B 118 10.25 30.31 -53.01
N PHE B 119 9.34 29.36 -53.29
CA PHE B 119 9.66 28.23 -54.16
C PHE B 119 8.52 27.95 -55.13
N PRO B 120 8.76 28.00 -56.44
CA PRO B 120 7.70 27.67 -57.41
C PRO B 120 7.49 26.17 -57.50
N PRO B 121 6.39 25.72 -58.11
CA PRO B 121 6.18 24.28 -58.25
C PRO B 121 7.26 23.66 -59.12
N SER B 122 7.63 22.42 -58.79
CA SER B 122 8.72 21.76 -59.46
C SER B 122 8.31 21.31 -60.86
N SER B 123 9.30 20.89 -61.63
CA SER B 123 9.04 20.34 -62.96
C SER B 123 8.16 19.10 -62.88
N GLU B 124 8.35 18.29 -61.84
CA GLU B 124 7.67 17.00 -61.75
C GLU B 124 6.23 17.14 -61.33
N GLN B 125 5.94 17.98 -60.32
CA GLN B 125 4.56 18.15 -59.89
C GLN B 125 3.69 18.71 -61.01
N LEU B 126 4.25 19.56 -61.87
CA LEU B 126 3.47 20.20 -62.91
C LEU B 126 3.10 19.24 -64.04
N THR B 127 3.86 18.15 -64.22
CA THR B 127 3.47 17.16 -65.22
C THR B 127 2.15 16.50 -64.85
N SER B 128 1.95 16.21 -63.57
CA SER B 128 0.62 15.89 -63.07
C SER B 128 -0.17 17.18 -62.86
N GLY B 129 -1.47 17.03 -62.63
CA GLY B 129 -2.36 18.17 -62.64
C GLY B 129 -2.23 19.15 -61.48
N GLY B 130 -1.11 19.11 -60.77
CA GLY B 130 -0.97 19.93 -59.57
C GLY B 130 0.18 20.91 -59.55
N ALA B 131 0.07 21.94 -58.71
CA ALA B 131 1.13 22.93 -58.56
C ALA B 131 1.08 23.47 -57.14
N SER B 132 2.17 23.30 -56.39
CA SER B 132 2.26 23.73 -55.00
C SER B 132 3.41 24.71 -54.87
N VAL B 133 3.11 25.90 -54.37
CA VAL B 133 4.13 26.93 -54.12
C VAL B 133 4.41 26.92 -52.63
N VAL B 134 5.68 26.78 -52.26
CA VAL B 134 6.09 26.60 -50.88
C VAL B 134 6.85 27.85 -50.43
N CYS B 135 6.52 28.33 -49.24
CA CYS B 135 7.21 29.46 -48.62
C CYS B 135 7.77 29.02 -47.28
N PHE B 136 9.09 29.10 -47.14
CA PHE B 136 9.76 28.80 -45.88
C PHE B 136 10.02 30.10 -45.13
N LEU B 137 9.81 30.07 -43.82
CA LEU B 137 9.98 31.22 -42.93
C LEU B 137 10.82 30.72 -41.76
N ASN B 138 12.12 31.00 -41.80
CA ASN B 138 13.09 30.26 -40.99
C ASN B 138 13.73 31.16 -39.94
N ASN B 139 13.85 30.61 -38.73
CA ASN B 139 14.69 31.14 -37.66
C ASN B 139 14.21 32.51 -37.19
N PHE B 140 13.00 32.53 -36.64
CA PHE B 140 12.42 33.73 -36.07
C PHE B 140 12.00 33.48 -34.62
N TYR B 141 11.82 34.59 -33.89
CA TYR B 141 11.32 34.58 -32.52
C TYR B 141 10.64 35.91 -32.28
N PRO B 142 9.48 35.94 -31.60
CA PRO B 142 8.75 34.82 -30.99
C PRO B 142 8.01 33.95 -32.00
N LYS B 143 7.19 33.02 -31.51
CA LYS B 143 6.66 31.95 -32.37
C LYS B 143 5.61 32.47 -33.36
N ASP B 144 4.85 33.49 -32.99
CA ASP B 144 3.72 33.91 -33.81
C ASP B 144 4.22 34.55 -35.10
N ILE B 145 4.01 33.86 -36.22
CA ILE B 145 4.22 34.41 -37.55
C ILE B 145 2.87 34.44 -38.26
N ASN B 146 2.77 35.29 -39.28
CA ASN B 146 1.54 35.43 -40.05
C ASN B 146 1.91 35.50 -41.53
N VAL B 147 1.64 34.43 -42.26
CA VAL B 147 1.91 34.39 -43.69
C VAL B 147 0.75 35.01 -44.42
N LYS B 148 0.98 35.38 -45.69
CA LYS B 148 -0.08 35.86 -46.57
C LYS B 148 0.32 35.59 -48.01
N TRP B 149 -0.56 34.94 -48.75
CA TRP B 149 -0.33 34.60 -50.14
C TRP B 149 -1.07 35.58 -51.04
N LYS B 150 -0.38 36.09 -52.06
CA LYS B 150 -1.02 36.90 -53.10
C LYS B 150 -0.69 36.34 -54.46
N ILE B 151 -1.67 36.39 -55.36
CA ILE B 151 -1.51 35.94 -56.74
C ILE B 151 -1.86 37.14 -57.61
N ASP B 152 -0.84 37.71 -58.26
CA ASP B 152 -1.00 38.91 -59.08
C ASP B 152 -1.67 40.05 -58.30
N GLY B 153 -1.28 40.19 -57.03
CA GLY B 153 -1.67 41.32 -56.22
C GLY B 153 -2.90 41.11 -55.34
N SER B 154 -3.69 40.08 -55.59
CA SER B 154 -4.90 39.84 -54.82
C SER B 154 -4.65 38.75 -53.79
N GLU B 155 -5.09 39.02 -52.56
CA GLU B 155 -4.89 38.08 -51.45
C GLU B 155 -5.65 36.79 -51.73
N ARG B 156 -4.94 35.67 -51.61
CA ARG B 156 -5.46 34.33 -51.88
C ARG B 156 -5.48 33.55 -50.57
N GLN B 157 -6.67 33.15 -50.11
CA GLN B 157 -6.82 32.65 -48.74
C GLN B 157 -7.14 31.16 -48.59
N ASN B 158 -7.37 30.42 -49.66
CA ASN B 158 -7.70 29.00 -49.48
C ASN B 158 -6.66 28.10 -50.14
N GLY B 159 -6.58 26.88 -49.62
CA GLY B 159 -5.69 25.87 -50.16
C GLY B 159 -4.28 25.96 -49.61
N VAL B 160 -4.17 26.18 -48.30
CA VAL B 160 -2.88 26.48 -47.66
C VAL B 160 -2.63 25.47 -46.55
N LEU B 161 -1.37 25.05 -46.43
CA LEU B 161 -0.93 24.17 -45.36
C LEU B 161 0.22 24.86 -44.63
N ASN B 162 -0.01 25.22 -43.37
CA ASN B 162 1.01 25.81 -42.52
C ASN B 162 1.52 24.78 -41.53
N SER B 163 2.83 24.78 -41.31
CA SER B 163 3.43 23.90 -40.32
C SER B 163 4.52 24.65 -39.57
N TRP B 164 4.48 24.56 -38.24
CA TRP B 164 5.48 25.14 -37.36
C TRP B 164 6.41 24.05 -36.87
N THR B 165 7.68 24.41 -36.66
CA THR B 165 8.61 23.52 -36.01
C THR B 165 8.57 23.72 -34.50
N ASP B 166 9.12 22.75 -33.78
CA ASP B 166 9.38 22.95 -32.37
C ASP B 166 10.51 23.97 -32.21
N GLN B 167 10.61 24.52 -31.00
CA GLN B 167 11.68 25.47 -30.72
C GLN B 167 13.03 24.79 -30.89
N ASP B 168 13.89 25.39 -31.71
CA ASP B 168 15.21 24.82 -31.96
C ASP B 168 16.01 24.76 -30.66
N SER B 169 16.64 23.62 -30.41
CA SER B 169 17.41 23.46 -29.18
C SER B 169 18.79 24.11 -29.24
N LYS B 170 19.19 24.63 -30.40
CA LYS B 170 20.47 25.31 -30.53
C LYS B 170 20.33 26.82 -30.31
N ASP B 171 19.50 27.48 -31.12
CA ASP B 171 19.34 28.92 -31.06
C ASP B 171 17.94 29.33 -30.61
N SER B 172 17.17 28.41 -30.03
CA SER B 172 15.89 28.72 -29.38
C SER B 172 14.96 29.48 -30.30
N THR B 173 14.93 29.07 -31.57
CA THR B 173 14.22 29.80 -32.62
C THR B 173 13.06 28.96 -33.15
N TYR B 174 12.25 29.59 -34.02
CA TYR B 174 11.11 28.94 -34.63
C TYR B 174 11.16 29.12 -36.14
N SER B 175 10.70 28.10 -36.86
CA SER B 175 10.56 28.16 -38.30
C SER B 175 9.17 27.67 -38.68
N MET B 176 8.72 28.07 -39.87
CA MET B 176 7.36 27.77 -40.29
C MET B 176 7.33 27.61 -41.81
N SER B 177 6.66 26.56 -42.27
CA SER B 177 6.46 26.31 -43.70
C SER B 177 5.01 26.59 -44.06
N SER B 178 4.80 27.14 -45.25
CA SER B 178 3.47 27.42 -45.76
C SER B 178 3.40 27.00 -47.22
N THR B 179 2.42 26.17 -47.56
CA THR B 179 2.29 25.61 -48.89
C THR B 179 0.92 25.97 -49.44
N LEU B 180 0.90 26.65 -50.59
CA LEU B 180 -0.32 26.93 -51.33
C LEU B 180 -0.39 26.01 -52.53
N THR B 181 -1.52 25.32 -52.69
CA THR B 181 -1.68 24.28 -53.69
C THR B 181 -2.78 24.67 -54.68
N LEU B 182 -2.49 24.54 -55.97
CA LEU B 182 -3.42 24.88 -57.03
C LEU B 182 -3.42 23.78 -58.08
N THR B 183 -4.32 23.92 -59.05
CA THR B 183 -4.25 23.13 -60.27
C THR B 183 -3.14 23.67 -61.16
N LYS B 184 -2.59 22.80 -62.01
CA LYS B 184 -1.68 23.30 -63.04
C LYS B 184 -2.41 24.26 -63.97
N ASP B 185 -3.63 23.90 -64.39
CA ASP B 185 -4.48 24.82 -65.13
C ASP B 185 -4.65 26.13 -64.37
N GLU B 186 -4.83 26.04 -63.06
CA GLU B 186 -4.96 27.25 -62.23
C GLU B 186 -3.63 28.00 -62.17
N TYR B 187 -2.53 27.28 -61.92
CA TYR B 187 -1.24 27.94 -61.71
C TYR B 187 -0.73 28.57 -63.01
N GLU B 188 -0.83 27.86 -64.12
CA GLU B 188 -0.31 28.34 -65.40
C GLU B 188 -1.22 29.38 -66.06
N ARG B 189 -2.12 30.00 -65.29
CA ARG B 189 -2.99 31.05 -65.79
C ARG B 189 -2.83 32.35 -65.01
N HIS B 190 -1.75 32.48 -64.25
CA HIS B 190 -1.40 33.71 -63.56
C HIS B 190 0.11 33.89 -63.64
N ASN B 191 0.59 35.08 -63.29
CA ASN B 191 1.98 35.45 -63.54
C ASN B 191 2.81 35.53 -62.27
N SER B 192 2.47 36.41 -61.34
CA SER B 192 3.30 36.68 -60.18
C SER B 192 2.72 36.02 -58.94
N TYR B 193 3.60 35.41 -58.15
CA TYR B 193 3.23 34.76 -56.89
C TYR B 193 4.07 35.38 -55.78
N THR B 194 3.39 35.95 -54.80
CA THR B 194 4.03 36.65 -53.70
C THR B 194 3.69 35.99 -52.38
N CYS B 195 4.66 36.00 -51.46
CA CYS B 195 4.49 35.43 -50.13
C CYS B 195 4.94 36.46 -49.11
N GLU B 196 3.99 37.01 -48.36
CA GLU B 196 4.25 38.09 -47.42
C GLU B 196 4.14 37.56 -45.99
N ALA B 197 5.19 37.80 -45.20
CA ALA B 197 5.23 37.38 -43.81
C ALA B 197 5.14 38.61 -42.91
N THR B 198 4.21 38.56 -41.95
CA THR B 198 3.99 39.65 -41.00
C THR B 198 4.46 39.17 -39.63
N HIS B 199 5.54 39.77 -39.13
CA HIS B 199 6.13 39.38 -37.86
C HIS B 199 6.22 40.60 -36.94
N LYS B 200 6.44 40.32 -35.66
CA LYS B 200 6.53 41.37 -34.66
C LYS B 200 7.70 42.30 -34.90
N THR B 201 8.79 41.77 -35.48
CA THR B 201 10.03 42.53 -35.68
C THR B 201 9.90 43.64 -36.70
N SER B 202 8.74 43.81 -37.33
CA SER B 202 8.60 44.85 -38.34
C SER B 202 7.12 45.16 -38.56
N THR B 203 6.82 46.45 -38.69
CA THR B 203 5.46 46.84 -39.07
C THR B 203 5.18 46.51 -40.53
N SER B 204 6.14 46.79 -41.41
CA SER B 204 6.00 46.42 -42.81
C SER B 204 6.27 44.92 -42.97
N PRO B 205 5.49 44.23 -43.79
CA PRO B 205 5.71 42.79 -43.96
C PRO B 205 6.93 42.52 -44.82
N ILE B 206 7.57 41.39 -44.55
CA ILE B 206 8.68 40.92 -45.38
C ILE B 206 8.10 40.18 -46.57
N VAL B 207 8.59 40.50 -47.77
CA VAL B 207 7.96 40.07 -49.01
C VAL B 207 8.99 39.38 -49.89
N LYS B 208 8.69 38.16 -50.31
CA LYS B 208 9.48 37.46 -51.31
C LYS B 208 8.55 37.03 -52.44
N SER B 209 9.08 36.96 -53.65
CA SER B 209 8.22 36.81 -54.82
C SER B 209 9.00 36.23 -55.99
N PHE B 210 8.24 35.77 -56.98
CA PHE B 210 8.80 35.30 -58.24
C PHE B 210 7.75 35.46 -59.34
N ASN B 211 8.22 35.52 -60.57
CA ASN B 211 7.35 35.55 -61.74
C ASN B 211 7.51 34.26 -62.52
N ARG B 212 6.42 33.81 -63.14
CA ARG B 212 6.39 32.50 -63.75
C ARG B 212 7.36 32.36 -64.92
N ASN B 213 7.79 33.47 -65.54
CA ASN B 213 8.63 33.37 -66.72
C ASN B 213 9.98 32.72 -66.42
N GLU B 214 10.58 33.06 -65.29
CA GLU B 214 11.88 32.50 -64.93
C GLU B 214 11.70 31.16 -64.20
N GLU C 1 19.06 0.43 -16.73
CA GLU C 1 19.24 -0.93 -17.21
C GLU C 1 17.89 -1.60 -17.47
N VAL C 2 16.84 -1.06 -16.85
CA VAL C 2 15.49 -1.46 -17.17
C VAL C 2 15.17 -0.99 -18.59
N GLN C 3 14.61 -1.89 -19.40
CA GLN C 3 14.22 -1.55 -20.76
C GLN C 3 12.82 -2.08 -21.03
N LEU C 4 11.98 -1.22 -21.61
CA LEU C 4 10.64 -1.59 -22.05
C LEU C 4 10.53 -1.26 -23.53
N VAL C 5 10.15 -2.25 -24.33
CA VAL C 5 10.07 -2.09 -25.79
C VAL C 5 8.67 -2.48 -26.24
N GLU C 6 7.95 -1.52 -26.82
CA GLU C 6 6.60 -1.78 -27.31
C GLU C 6 6.66 -2.29 -28.75
N SER C 7 5.87 -3.34 -29.01
CA SER C 7 5.80 -3.97 -30.31
C SER C 7 4.37 -3.87 -30.84
N GLY C 8 4.15 -4.45 -32.03
CA GLY C 8 2.84 -4.36 -32.64
C GLY C 8 2.57 -2.95 -33.12
N GLY C 9 1.30 -2.59 -33.21
CA GLY C 9 0.92 -1.23 -33.52
C GLY C 9 1.05 -0.85 -34.98
N GLY C 10 -0.01 -0.29 -35.55
CA GLY C 10 -0.01 0.11 -36.94
C GLY C 10 -1.29 0.80 -37.35
N LEU C 11 -1.75 0.55 -38.59
CA LEU C 11 -2.96 1.16 -39.12
C LEU C 11 -4.07 0.13 -39.16
N VAL C 12 -5.25 0.49 -38.63
CA VAL C 12 -6.38 -0.42 -38.50
C VAL C 12 -7.64 0.29 -38.99
N LYS C 13 -8.53 -0.46 -39.63
CA LYS C 13 -9.85 0.07 -39.96
C LYS C 13 -10.70 0.17 -38.70
N PRO C 14 -11.62 1.12 -38.64
CA PRO C 14 -12.53 1.18 -37.50
C PRO C 14 -13.32 -0.11 -37.34
N GLY C 15 -13.49 -0.54 -36.09
CA GLY C 15 -14.05 -1.82 -35.78
C GLY C 15 -13.06 -2.96 -35.70
N GLY C 16 -11.89 -2.79 -36.32
CA GLY C 16 -10.88 -3.82 -36.33
C GLY C 16 -10.27 -4.05 -34.96
N SER C 17 -9.26 -4.92 -34.94
CA SER C 17 -8.65 -5.39 -33.70
C SER C 17 -7.15 -5.56 -33.89
N LEU C 18 -6.39 -5.17 -32.86
CA LEU C 18 -4.94 -5.31 -32.87
C LEU C 18 -4.47 -5.62 -31.46
N LYS C 19 -3.36 -6.35 -31.36
CA LYS C 19 -2.72 -6.69 -30.09
C LYS C 19 -1.36 -6.00 -30.01
N LEU C 20 -1.15 -5.23 -28.95
CA LEU C 20 0.14 -4.60 -28.68
C LEU C 20 0.91 -5.42 -27.66
N SER C 21 2.24 -5.39 -27.77
CA SER C 21 3.09 -6.15 -26.88
C SER C 21 4.23 -5.27 -26.37
N CYS C 22 4.59 -5.45 -25.11
CA CYS C 22 5.72 -4.77 -24.50
C CYS C 22 6.69 -5.81 -23.95
N ALA C 23 7.90 -5.83 -24.49
CA ALA C 23 8.92 -6.77 -24.06
C ALA C 23 9.77 -6.13 -22.97
N ALA C 24 9.58 -6.57 -21.72
CA ALA C 24 10.31 -6.03 -20.60
C ALA C 24 11.64 -6.76 -20.41
N SER C 25 12.60 -6.07 -19.81
CA SER C 25 13.94 -6.58 -19.63
C SER C 25 14.67 -5.70 -18.61
N GLY C 26 15.58 -6.32 -17.86
CA GLY C 26 16.38 -5.60 -16.90
C GLY C 26 15.86 -5.61 -15.48
N PHE C 27 14.79 -6.33 -15.21
CA PHE C 27 14.22 -6.41 -13.87
C PHE C 27 13.31 -7.61 -13.82
N THR C 28 13.04 -8.09 -12.60
CA THR C 28 12.13 -9.22 -12.43
C THR C 28 10.71 -8.73 -12.69
N PHE C 29 10.24 -8.97 -13.92
CA PHE C 29 8.93 -8.55 -14.38
C PHE C 29 7.81 -8.98 -13.43
N SER C 30 8.00 -10.09 -12.71
CA SER C 30 6.93 -10.75 -11.99
C SER C 30 6.51 -10.04 -10.71
N SER C 31 7.23 -9.00 -10.27
CA SER C 31 6.90 -8.31 -9.03
C SER C 31 6.62 -6.84 -9.26
N TYR C 32 6.13 -6.49 -10.45
CA TYR C 32 5.89 -5.10 -10.82
C TYR C 32 4.59 -5.00 -11.60
N ALA C 33 3.65 -4.21 -11.08
CA ALA C 33 2.43 -3.93 -11.83
C ALA C 33 2.93 -3.26 -13.11
N MET C 34 2.09 -3.29 -14.14
CA MET C 34 2.34 -2.55 -15.37
C MET C 34 1.07 -1.88 -15.86
N SER C 35 1.23 -0.76 -16.57
CA SER C 35 0.11 -0.03 -17.13
C SER C 35 0.40 0.35 -18.57
N TRP C 36 -0.66 0.67 -19.30
CA TRP C 36 -0.58 1.20 -20.65
C TRP C 36 -1.10 2.63 -20.61
N VAL C 37 -0.24 3.58 -20.93
CA VAL C 37 -0.62 4.99 -21.06
C VAL C 37 -0.55 5.36 -22.53
N ARG C 38 -1.63 5.96 -23.05
CA ARG C 38 -1.66 6.38 -24.43
C ARG C 38 -1.64 7.91 -24.51
N GLN C 39 -1.02 8.41 -25.57
CA GLN C 39 -0.92 9.85 -25.82
C GLN C 39 -1.55 10.15 -27.19
N SER C 40 -2.64 10.93 -27.16
CA SER C 40 -3.36 11.32 -28.37
C SER C 40 -2.47 12.15 -29.29
N PRO C 41 -2.82 12.31 -30.56
CA PRO C 41 -2.05 13.23 -31.41
C PRO C 41 -2.08 14.67 -30.95
N GLU C 42 -3.05 15.06 -30.09
CA GLU C 42 -3.06 16.36 -29.47
C GLU C 42 -2.26 16.41 -28.18
N LYS C 43 -1.42 15.39 -27.93
CA LYS C 43 -0.36 15.35 -26.92
C LYS C 43 -0.85 15.14 -25.49
N ARG C 44 -2.15 14.89 -25.27
CA ARG C 44 -2.65 14.71 -23.91
C ARG C 44 -2.54 13.24 -23.51
N LEU C 45 -2.04 13.00 -22.29
CA LEU C 45 -1.83 11.65 -21.79
C LEU C 45 -3.09 11.12 -21.13
N GLU C 46 -3.38 9.84 -21.38
CA GLU C 46 -4.56 9.19 -20.81
C GLU C 46 -4.18 7.77 -20.44
N TRP C 47 -4.33 7.44 -19.15
CA TRP C 47 -4.10 6.09 -18.69
C TRP C 47 -5.20 5.17 -19.21
N VAL C 48 -4.83 3.93 -19.55
CA VAL C 48 -5.70 3.00 -20.25
C VAL C 48 -6.06 1.81 -19.37
N ALA C 49 -5.06 1.12 -18.83
CA ALA C 49 -5.31 -0.09 -18.07
C ALA C 49 -4.08 -0.43 -17.23
N GLU C 50 -4.33 -0.89 -16.01
CA GLU C 50 -3.28 -1.38 -15.12
C GLU C 50 -3.53 -2.86 -14.83
N ILE C 51 -2.47 -3.66 -14.88
CA ILE C 51 -2.53 -5.05 -14.47
C ILE C 51 -1.50 -5.28 -13.37
N SER C 52 -1.92 -6.00 -12.33
CA SER C 52 -1.09 -6.19 -11.15
C SER C 52 0.08 -7.12 -11.46
N SER C 53 0.95 -7.31 -10.47
CA SER C 53 2.15 -8.12 -10.68
C SER C 53 1.80 -9.55 -11.07
N GLY C 54 0.90 -10.17 -10.31
CA GLY C 54 0.45 -11.52 -10.59
C GLY C 54 -0.73 -11.62 -11.53
N GLY C 55 -1.20 -10.49 -12.08
CA GLY C 55 -2.30 -10.48 -13.01
C GLY C 55 -3.68 -10.64 -12.38
N ARG C 56 -3.77 -10.68 -11.06
CA ARG C 56 -5.04 -10.92 -10.37
C ARG C 56 -5.85 -9.65 -10.11
N TYR C 57 -5.27 -8.47 -10.28
CA TYR C 57 -5.97 -7.21 -10.07
C TYR C 57 -5.82 -6.34 -11.32
N ILE C 58 -6.95 -6.00 -11.94
CA ILE C 58 -6.97 -5.31 -13.22
C ILE C 58 -7.91 -4.11 -13.12
N TYR C 59 -7.48 -2.98 -13.68
CA TYR C 59 -8.29 -1.77 -13.73
C TYR C 59 -8.28 -1.21 -15.15
N TYR C 60 -9.40 -0.65 -15.58
CA TYR C 60 -9.54 -0.12 -16.94
C TYR C 60 -10.05 1.31 -16.91
N SER C 61 -9.68 2.06 -17.94
CA SER C 61 -10.33 3.34 -18.19
C SER C 61 -11.76 3.12 -18.66
N ASP C 62 -12.65 4.05 -18.28
CA ASP C 62 -14.04 3.96 -18.74
C ASP C 62 -14.11 4.12 -20.26
N THR C 63 -13.32 5.03 -20.81
CA THR C 63 -13.26 5.25 -22.25
C THR C 63 -12.92 3.98 -23.02
N VAL C 64 -12.42 2.96 -22.33
CA VAL C 64 -11.77 1.81 -22.97
C VAL C 64 -12.31 0.47 -22.49
N THR C 65 -12.95 0.40 -21.33
CA THR C 65 -13.43 -0.87 -20.78
C THR C 65 -14.40 -1.55 -21.73
N GLY C 66 -14.44 -2.89 -21.65
CA GLY C 66 -15.25 -3.68 -22.54
C GLY C 66 -14.62 -4.02 -23.87
N ARG C 67 -13.67 -3.21 -24.34
CA ARG C 67 -13.05 -3.38 -25.65
C ARG C 67 -11.58 -3.80 -25.60
N PHE C 68 -10.87 -3.47 -24.53
CA PHE C 68 -9.45 -3.77 -24.41
C PHE C 68 -9.25 -4.87 -23.36
N THR C 69 -8.22 -5.68 -23.57
CA THR C 69 -7.86 -6.74 -22.63
C THR C 69 -6.37 -6.67 -22.37
N ILE C 70 -6.00 -6.47 -21.11
CA ILE C 70 -4.61 -6.39 -20.68
C ILE C 70 -4.20 -7.72 -20.07
N SER C 71 -2.94 -8.12 -20.29
CA SER C 71 -2.48 -9.42 -19.81
C SER C 71 -0.95 -9.41 -19.73
N ARG C 72 -0.42 -10.31 -18.89
CA ARG C 72 1.01 -10.53 -18.79
C ARG C 72 1.37 -11.96 -19.13
N ASP C 73 2.59 -12.14 -19.64
CA ASP C 73 3.24 -13.43 -19.74
C ASP C 73 4.46 -13.35 -18.83
N ASN C 74 4.23 -13.53 -17.53
CA ASN C 74 5.30 -13.40 -16.54
C ASN C 74 6.38 -14.47 -16.70
N ALA C 75 6.14 -15.49 -17.52
CA ALA C 75 7.19 -16.44 -17.85
C ALA C 75 8.14 -15.85 -18.90
N ARG C 76 7.59 -15.43 -20.04
CA ARG C 76 8.38 -14.86 -21.12
C ARG C 76 8.63 -13.37 -20.98
N ASN C 77 8.02 -12.72 -19.97
CA ASN C 77 8.27 -11.32 -19.64
C ASN C 77 7.76 -10.38 -20.74
N ILE C 78 6.48 -10.54 -21.11
CA ILE C 78 5.86 -9.69 -22.12
C ILE C 78 4.52 -9.21 -21.59
N LEU C 79 4.26 -7.91 -21.74
CA LEU C 79 2.96 -7.31 -21.46
C LEU C 79 2.17 -7.20 -22.76
N HIS C 80 0.86 -7.42 -22.67
CA HIS C 80 0.00 -7.40 -23.85
C HIS C 80 -1.19 -6.48 -23.61
N LEU C 81 -1.78 -6.04 -24.73
CA LEU C 81 -2.99 -5.23 -24.72
C LEU C 81 -3.80 -5.62 -25.97
N GLU C 82 -4.72 -6.57 -25.79
CA GLU C 82 -5.61 -6.98 -26.86
C GLU C 82 -6.68 -5.92 -27.05
N MET C 83 -6.82 -5.40 -28.26
CA MET C 83 -7.78 -4.36 -28.56
C MET C 83 -8.78 -4.87 -29.59
N SER C 84 -10.00 -4.34 -29.52
CA SER C 84 -11.07 -4.75 -30.42
C SER C 84 -12.10 -3.64 -30.47
N SER C 85 -12.98 -3.72 -31.46
CA SER C 85 -14.01 -2.71 -31.70
C SER C 85 -13.39 -1.31 -31.71
N LEU C 86 -12.30 -1.18 -32.45
CA LEU C 86 -11.52 0.05 -32.43
C LEU C 86 -12.25 1.19 -33.13
N ARG C 87 -12.20 2.37 -32.53
CA ARG C 87 -12.69 3.59 -33.14
C ARG C 87 -11.54 4.57 -33.31
N SER C 88 -11.80 5.66 -34.05
CA SER C 88 -10.73 6.60 -34.37
C SER C 88 -10.22 7.33 -33.14
N GLU C 89 -11.04 7.46 -32.10
CA GLU C 89 -10.58 8.09 -30.86
C GLU C 89 -9.48 7.28 -30.19
N ASP C 90 -9.32 6.01 -30.57
CA ASP C 90 -8.25 5.17 -30.04
C ASP C 90 -6.92 5.46 -30.70
N THR C 91 -6.87 6.35 -31.69
CA THR C 91 -5.62 6.72 -32.33
C THR C 91 -4.72 7.43 -31.34
N ALA C 92 -3.56 6.84 -31.06
CA ALA C 92 -2.61 7.41 -30.11
C ALA C 92 -1.32 6.60 -30.19
N MET C 93 -0.28 7.13 -29.55
CA MET C 93 0.91 6.35 -29.26
C MET C 93 0.71 5.67 -27.92
N TYR C 94 1.00 4.37 -27.86
CA TYR C 94 0.74 3.57 -26.67
C TYR C 94 2.04 3.29 -25.94
N TYR C 95 2.08 3.65 -24.65
CA TYR C 95 3.26 3.52 -23.81
C TYR C 95 3.08 2.39 -22.82
N CYS C 96 4.16 1.65 -22.57
CA CYS C 96 4.19 0.59 -21.58
C CYS C 96 5.03 1.09 -20.41
N ALA C 97 4.37 1.37 -19.29
CA ALA C 97 5.01 2.01 -18.14
C ALA C 97 4.94 1.11 -16.92
N ARG C 98 6.00 1.09 -16.14
CA ARG C 98 6.04 0.29 -14.92
C ARG C 98 5.69 1.11 -13.71
N GLY C 99 4.70 0.68 -12.95
CA GLY C 99 4.26 1.42 -11.80
C GLY C 99 3.76 0.38 -10.84
N GLU C 100 4.57 0.01 -9.85
CA GLU C 100 4.13 -0.91 -8.84
C GLU C 100 3.71 -0.22 -7.59
N VAL C 101 4.51 0.72 -7.14
CA VAL C 101 4.10 1.47 -5.96
C VAL C 101 3.32 2.70 -6.42
N ARG C 102 2.07 2.81 -5.96
CA ARG C 102 1.24 3.97 -6.28
C ARG C 102 1.83 5.27 -5.73
N GLN C 103 2.64 5.19 -4.69
CA GLN C 103 3.20 6.38 -4.06
C GLN C 103 4.48 6.88 -4.72
N ARG C 104 4.91 6.19 -5.76
CA ARG C 104 6.14 6.55 -6.44
C ARG C 104 5.96 6.79 -7.93
N GLY C 105 4.77 6.54 -8.45
CA GLY C 105 4.49 6.77 -9.86
C GLY C 105 5.01 5.69 -10.79
N PHE C 106 5.24 6.11 -12.04
CA PHE C 106 5.68 5.22 -13.12
C PHE C 106 7.19 5.35 -13.26
N ASP C 107 7.93 4.37 -12.75
CA ASP C 107 9.39 4.38 -12.78
C ASP C 107 9.91 4.58 -14.20
N TYR C 108 9.63 3.62 -15.09
CA TYR C 108 10.18 3.62 -16.43
C TYR C 108 9.08 3.54 -17.46
N TRP C 109 9.34 4.09 -18.64
CA TRP C 109 8.42 4.06 -19.76
C TRP C 109 9.13 3.48 -20.97
N GLY C 110 8.41 2.65 -21.73
CA GLY C 110 8.88 2.27 -23.05
C GLY C 110 8.94 3.46 -23.97
N GLN C 111 9.50 3.24 -25.15
CA GLN C 111 9.63 4.31 -26.14
C GLN C 111 8.44 4.38 -27.08
N GLY C 112 7.43 3.54 -26.88
CA GLY C 112 6.13 3.75 -27.49
C GLY C 112 5.93 2.95 -28.76
N THR C 113 4.67 2.61 -29.03
CA THR C 113 4.23 2.08 -30.31
C THR C 113 2.98 2.84 -30.74
N THR C 114 2.84 3.02 -32.06
CA THR C 114 1.88 3.98 -32.60
C THR C 114 0.74 3.26 -33.30
N LEU C 115 -0.49 3.52 -32.85
CA LEU C 115 -1.68 2.97 -33.45
C LEU C 115 -2.46 4.06 -34.17
N THR C 116 -2.94 3.73 -35.37
CA THR C 116 -3.78 4.64 -36.15
C THR C 116 -5.05 3.90 -36.55
N VAL C 117 -6.20 4.44 -36.17
CA VAL C 117 -7.49 3.89 -36.57
C VAL C 117 -8.08 4.84 -37.60
N SER C 118 -8.20 4.37 -38.83
CA SER C 118 -8.75 5.19 -39.90
C SER C 118 -9.31 4.28 -40.98
N SER C 119 -10.27 4.82 -41.74
CA SER C 119 -10.79 4.16 -42.93
C SER C 119 -10.10 4.65 -44.20
N ALA C 120 -9.11 5.55 -44.07
CA ALA C 120 -8.37 6.05 -45.21
C ALA C 120 -7.24 5.09 -45.58
N LYS C 121 -6.97 5.00 -46.87
CA LYS C 121 -6.01 4.01 -47.32
C LYS C 121 -4.62 4.47 -47.41
N THR C 122 -3.72 3.51 -47.39
CA THR C 122 -2.30 3.82 -47.52
C THR C 122 -2.01 4.42 -48.88
N THR C 123 -1.19 5.48 -48.89
CA THR C 123 -0.83 6.18 -50.12
C THR C 123 0.63 6.60 -50.04
N ALA C 124 1.40 6.26 -51.08
CA ALA C 124 2.78 6.67 -51.16
C ALA C 124 2.86 8.15 -51.55
N PRO C 125 3.89 8.86 -51.09
CA PRO C 125 3.99 10.29 -51.38
C PRO C 125 4.62 10.56 -52.74
N SER C 126 4.38 11.78 -53.21
CA SER C 126 5.14 12.37 -54.32
C SER C 126 6.19 13.29 -53.72
N VAL C 127 7.46 13.02 -54.00
CA VAL C 127 8.57 13.79 -53.47
C VAL C 127 9.03 14.76 -54.55
N TYR C 128 8.84 16.05 -54.30
CA TYR C 128 9.23 17.09 -55.24
C TYR C 128 10.44 17.84 -54.72
N PRO C 129 11.48 18.00 -55.53
CA PRO C 129 12.60 18.85 -55.13
C PRO C 129 12.24 20.32 -55.32
N LEU C 130 12.69 21.13 -54.37
CA LEU C 130 12.40 22.58 -54.38
C LEU C 130 13.71 23.33 -54.55
N ALA C 131 13.95 23.85 -55.78
CA ALA C 131 15.11 24.63 -56.20
C ALA C 131 14.78 26.12 -56.21
N PRO C 132 15.74 26.98 -55.88
CA PRO C 132 15.45 28.42 -55.78
C PRO C 132 15.09 29.02 -57.13
N VAL C 133 14.60 30.26 -57.07
CA VAL C 133 14.20 30.98 -58.28
C VAL C 133 15.44 31.31 -59.12
N CYS C 134 15.20 31.67 -60.39
CA CYS C 134 16.29 31.89 -61.34
C CYS C 134 17.05 33.18 -61.05
N GLY C 135 16.33 34.28 -60.87
CA GLY C 135 16.95 35.55 -60.54
C GLY C 135 17.47 35.69 -59.13
N ASP C 136 17.54 34.60 -58.37
CA ASP C 136 17.92 34.63 -56.96
C ASP C 136 19.39 34.32 -56.72
N THR C 137 20.17 34.08 -57.77
CA THR C 137 21.59 33.75 -57.60
C THR C 137 22.33 34.86 -56.85
N THR C 138 21.90 36.10 -57.01
CA THR C 138 22.49 37.21 -56.28
C THR C 138 22.23 37.08 -54.78
N GLY C 139 22.99 36.20 -54.13
CA GLY C 139 22.82 35.96 -52.70
C GLY C 139 24.05 35.32 -52.10
N SER C 140 24.09 35.35 -50.76
CA SER C 140 25.25 34.88 -50.01
C SER C 140 25.12 33.43 -49.54
N SER C 141 23.95 33.06 -49.00
CA SER C 141 23.66 31.68 -48.64
C SER C 141 22.40 31.24 -49.38
N VAL C 142 22.39 29.98 -49.80
CA VAL C 142 21.31 29.45 -50.62
C VAL C 142 20.49 28.47 -49.79
N THR C 143 19.18 28.43 -50.07
CA THR C 143 18.22 27.63 -49.32
C THR C 143 17.50 26.69 -50.26
N LEU C 144 17.56 25.39 -49.95
CA LEU C 144 16.92 24.35 -50.74
C LEU C 144 15.76 23.74 -49.97
N GLY C 145 14.82 23.14 -50.73
CA GLY C 145 13.65 22.54 -50.13
C GLY C 145 13.33 21.19 -50.75
N CYS C 146 12.39 20.51 -50.13
CA CYS C 146 11.95 19.18 -50.55
C CYS C 146 10.53 18.98 -50.06
N LEU C 147 9.61 18.72 -51.00
CA LEU C 147 8.17 18.68 -50.72
C LEU C 147 7.67 17.23 -50.79
N VAL C 148 7.15 16.74 -49.68
CA VAL C 148 6.62 15.38 -49.58
C VAL C 148 5.12 15.50 -49.40
N LYS C 149 4.38 15.35 -50.50
CA LYS C 149 2.96 15.73 -50.54
C LYS C 149 2.07 14.50 -50.68
N GLY C 150 0.93 14.53 -50.00
CA GLY C 150 -0.15 13.59 -50.24
C GLY C 150 0.14 12.14 -49.92
N TYR C 151 0.60 11.87 -48.71
CA TYR C 151 0.85 10.51 -48.28
C TYR C 151 0.04 10.15 -47.05
N PHE C 152 -0.08 8.85 -46.80
CA PHE C 152 -0.76 8.29 -45.65
C PHE C 152 -0.37 6.82 -45.49
N PRO C 153 -0.16 6.34 -44.25
CA PRO C 153 -0.20 7.07 -42.98
C PRO C 153 1.19 7.55 -42.59
N GLU C 154 1.33 8.15 -41.41
CA GLU C 154 2.65 8.45 -40.89
C GLU C 154 3.32 7.15 -40.45
N PRO C 155 4.65 7.14 -40.33
CA PRO C 155 5.61 8.22 -40.50
C PRO C 155 6.38 8.23 -41.82
N VAL C 156 7.20 9.28 -41.99
CA VAL C 156 8.12 9.45 -43.09
C VAL C 156 9.48 9.82 -42.49
N THR C 157 10.54 9.38 -43.14
CA THR C 157 11.90 9.80 -42.79
C THR C 157 12.47 10.64 -43.91
N LEU C 158 13.01 11.82 -43.56
CA LEU C 158 13.65 12.70 -44.54
C LEU C 158 15.05 13.03 -44.04
N THR C 159 16.04 12.77 -44.89
CA THR C 159 17.42 13.14 -44.64
C THR C 159 17.96 13.86 -45.86
N TRP C 160 19.12 14.49 -45.71
CA TRP C 160 19.79 15.17 -46.80
C TRP C 160 21.18 14.59 -46.98
N ASN C 161 21.52 14.24 -48.22
CA ASN C 161 22.81 13.63 -48.55
C ASN C 161 23.09 12.42 -47.65
N SER C 162 22.07 11.59 -47.49
CA SER C 162 22.13 10.34 -46.72
C SER C 162 22.38 10.56 -45.24
N GLY C 163 22.17 11.78 -44.75
CA GLY C 163 22.30 12.09 -43.34
C GLY C 163 23.51 12.91 -42.97
N SER C 164 24.37 13.26 -43.92
CA SER C 164 25.56 14.03 -43.63
C SER C 164 25.32 15.54 -43.67
N LEU C 165 24.09 15.98 -43.95
CA LEU C 165 23.74 17.39 -43.91
C LEU C 165 22.79 17.62 -42.74
N SER C 166 23.33 17.45 -41.53
CA SER C 166 22.54 17.62 -40.32
C SER C 166 22.35 19.08 -39.91
N SER C 167 23.21 19.98 -40.39
CA SER C 167 23.21 21.36 -39.94
C SER C 167 22.49 22.26 -40.94
N GLY C 168 21.72 23.21 -40.42
CA GLY C 168 21.02 24.15 -41.26
C GLY C 168 19.81 23.60 -41.98
N VAL C 169 19.16 22.58 -41.41
CA VAL C 169 18.01 21.93 -42.02
C VAL C 169 16.84 22.00 -41.06
N HIS C 170 15.68 22.43 -41.57
CA HIS C 170 14.43 22.48 -40.83
C HIS C 170 13.44 21.55 -41.51
N THR C 171 13.08 20.45 -40.83
CA THR C 171 12.08 19.51 -41.34
C THR C 171 10.80 19.72 -40.53
N PHE C 172 9.76 20.22 -41.21
CA PHE C 172 8.53 20.62 -40.53
C PHE C 172 7.61 19.42 -40.35
N PRO C 173 6.94 19.33 -39.18
CA PRO C 173 6.00 18.23 -38.97
C PRO C 173 4.92 18.19 -40.03
N ALA C 174 4.38 16.99 -40.24
CA ALA C 174 3.35 16.79 -41.25
C ALA C 174 2.00 17.29 -40.74
N VAL C 175 1.15 17.71 -41.67
CA VAL C 175 -0.18 18.19 -41.36
C VAL C 175 -1.18 17.34 -42.13
N LEU C 176 -2.14 16.74 -41.42
CA LEU C 176 -3.19 15.97 -42.07
C LEU C 176 -4.23 16.92 -42.64
N GLN C 177 -4.46 16.83 -43.94
CA GLN C 177 -5.48 17.64 -44.62
C GLN C 177 -6.28 16.73 -45.53
N SER C 178 -7.51 16.42 -45.12
CA SER C 178 -8.46 15.62 -45.91
C SER C 178 -7.85 14.28 -46.31
N ASP C 179 -7.43 13.53 -45.29
CA ASP C 179 -6.97 12.13 -45.33
C ASP C 179 -5.60 11.94 -45.98
N LEU C 180 -4.81 12.99 -46.18
CA LEU C 180 -3.44 12.84 -46.68
C LEU C 180 -2.52 13.83 -45.97
N TYR C 181 -1.29 13.39 -45.73
CA TYR C 181 -0.28 14.21 -45.09
C TYR C 181 0.59 14.91 -46.14
N THR C 182 1.02 16.12 -45.82
CA THR C 182 2.02 16.83 -46.61
C THR C 182 3.11 17.33 -45.66
N LEU C 183 4.36 17.07 -46.02
CA LEU C 183 5.50 17.43 -45.21
C LEU C 183 6.54 18.11 -46.11
N SER C 184 7.36 18.95 -45.51
CA SER C 184 8.38 19.66 -46.26
C SER C 184 9.60 19.88 -45.38
N SER C 185 10.76 19.99 -46.01
CA SER C 185 12.01 20.23 -45.31
C SER C 185 12.83 21.25 -46.09
N SER C 186 13.59 22.05 -45.36
CA SER C 186 14.44 23.08 -45.96
C SER C 186 15.84 22.96 -45.40
N VAL C 187 16.84 23.01 -46.28
CA VAL C 187 18.23 23.06 -45.88
C VAL C 187 18.88 24.28 -46.51
N THR C 188 19.67 25.01 -45.73
CA THR C 188 20.38 26.19 -46.21
C THR C 188 21.88 25.96 -46.09
N VAL C 189 22.62 26.47 -47.07
CA VAL C 189 24.03 26.13 -47.22
C VAL C 189 24.71 27.29 -47.94
N THR C 190 26.04 27.34 -47.82
CA THR C 190 26.79 28.44 -48.44
C THR C 190 26.73 28.34 -49.97
N SER C 191 26.77 29.51 -50.62
CA SER C 191 26.67 29.57 -52.07
C SER C 191 27.80 28.81 -52.76
N SER C 192 28.95 28.69 -52.10
CA SER C 192 30.07 27.98 -52.71
C SER C 192 29.78 26.49 -52.86
N THR C 193 29.08 25.91 -51.89
CA THR C 193 28.88 24.47 -51.83
C THR C 193 27.66 23.98 -52.61
N TRP C 194 26.92 24.88 -53.26
CA TRP C 194 25.82 24.48 -54.13
C TRP C 194 25.61 25.58 -55.16
N PRO C 195 25.41 25.24 -56.45
CA PRO C 195 25.28 23.89 -57.02
C PRO C 195 26.60 23.14 -57.20
N SER C 196 27.73 23.64 -56.70
CA SER C 196 29.02 22.99 -56.91
C SER C 196 28.98 21.55 -56.40
N GLN C 197 28.81 21.37 -55.09
CA GLN C 197 28.54 20.04 -54.57
C GLN C 197 27.06 19.70 -54.75
N SER C 198 26.73 18.43 -54.50
CA SER C 198 25.39 17.92 -54.73
C SER C 198 24.63 17.81 -53.41
N ILE C 199 23.34 18.18 -53.45
CA ILE C 199 22.44 18.04 -52.31
C ILE C 199 21.16 17.36 -52.77
N THR C 200 20.78 16.28 -52.08
CA THR C 200 19.60 15.50 -52.39
C THR C 200 18.83 15.18 -51.11
N CYS C 201 17.51 15.22 -51.19
CA CYS C 201 16.67 14.79 -50.07
C CYS C 201 16.27 13.32 -50.27
N ASN C 202 16.44 12.52 -49.23
CA ASN C 202 16.15 11.10 -49.25
C ASN C 202 14.92 10.85 -48.39
N VAL C 203 13.87 10.29 -48.98
CA VAL C 203 12.58 10.15 -48.33
C VAL C 203 12.20 8.68 -48.32
N ALA C 204 11.82 8.18 -47.15
CA ALA C 204 11.39 6.79 -46.98
C ALA C 204 9.98 6.76 -46.38
N HIS C 205 9.19 5.80 -46.86
CA HIS C 205 7.81 5.61 -46.39
C HIS C 205 7.54 4.11 -46.37
N PRO C 206 7.98 3.41 -45.32
CA PRO C 206 7.90 1.94 -45.33
C PRO C 206 6.49 1.39 -45.47
N ALA C 207 5.46 2.17 -45.13
CA ALA C 207 4.09 1.67 -45.22
C ALA C 207 3.71 1.33 -46.66
N SER C 208 4.34 1.96 -47.64
CA SER C 208 4.05 1.73 -49.05
C SER C 208 5.26 1.28 -49.84
N SER C 209 6.34 0.87 -49.17
CA SER C 209 7.56 0.39 -49.83
C SER C 209 8.16 1.46 -50.74
N THR C 210 8.28 2.67 -50.20
CA THR C 210 8.79 3.82 -50.96
C THR C 210 10.15 4.23 -50.41
N LYS C 211 11.17 4.15 -51.27
CA LYS C 211 12.48 4.75 -51.01
C LYS C 211 12.84 5.55 -52.25
N VAL C 212 12.91 6.87 -52.10
CA VAL C 212 13.02 7.77 -53.25
C VAL C 212 14.06 8.84 -52.95
N ASP C 213 14.99 9.04 -53.88
CA ASP C 213 15.97 10.11 -53.81
C ASP C 213 15.65 11.13 -54.89
N LYS C 214 15.56 12.40 -54.50
CA LYS C 214 15.36 13.50 -55.43
C LYS C 214 16.47 14.51 -55.22
N LYS C 215 17.26 14.76 -56.26
CA LYS C 215 18.41 15.64 -56.17
C LYS C 215 18.01 17.03 -56.66
N ILE C 216 18.50 18.05 -55.97
CA ILE C 216 18.11 19.43 -56.23
C ILE C 216 18.98 19.99 -57.34
N GLU C 217 18.36 20.35 -58.46
CA GLU C 217 19.05 20.90 -59.62
C GLU C 217 18.49 22.29 -59.95
N PRO C 218 19.33 23.22 -60.39
CA PRO C 218 18.84 24.55 -60.76
C PRO C 218 17.87 24.50 -61.93
N ARG C 219 17.30 25.65 -62.24
CA ARG C 219 16.26 25.74 -63.26
C ARG C 219 16.65 26.69 -64.40
#